data_8ZO4
#
_entry.id   8ZO4
#
_cell.length_a   89.156
_cell.length_b   89.156
_cell.length_c   208.683
_cell.angle_alpha   90.000
_cell.angle_beta   90.000
_cell.angle_gamma   120.000
#
_symmetry.space_group_name_H-M   'P 32 2 1'
#
loop_
_entity.id
_entity.type
_entity.pdbx_description
1 polymer 'TCR stable mutant Alpha chain'
2 polymer 'TCR stable mutant Beta chian'
3 non-polymer 2-acetamido-2-deoxy-beta-D-glucopyranose
4 non-polymer 'SULFATE ION'
5 water water
#
loop_
_entity_poly.entity_id
_entity_poly.type
_entity_poly.pdbx_seq_one_letter_code
_entity_poly.pdbx_strand_id
1 'polypeptide(L)'
;RKEVEQDPGPFNVPEGATVAFNCTYSNSASQSFFWYRQDCRKEPKLLMSVYSSGNEDGRFTAQLNRASQYISLLIRDSKL
SDSATYLCVVNPHARLMFGDGTQLVVKPNIQNPDPAVYQLRDSKSSDKFVCLFTDFDSQINVSQSKDSDVYITDKCVLDM
RSMDFKSNSAVAWSNKSDFTCANAFNNSIIPEDTFFPSPESSCDVKLVEKSFETDTNLNFQNLSVIGFRILLLKVAGFNL
LMTLRLWSS
;
A,C
2 'polypeptide(L)'
;GVTQTPRYLIKTRGQQVTLSCSPISGHRSVSWYQQTPGQGLQFLFEYFSETQRNKGNFPGRFSGRQFSNSRSEMNVSTLE
LGDSALYLCASSRMTGSTDTQYFGPGTRLTVLEDLKNVFPPEVAVFEPSKAEISRTQKATLVCLATGFYPPHVELSWWVN
GKEVHDGVCTDPQPLKEQPALNDSRYALSSRLRVSATFWQDPRNHFRCQVQFYGLSENDEWTQDRAKPVTQIVSAEAWGR
AD
;
B,D
#
# COMPACT_ATOMS: atom_id res chain seq x y z
N GLU A 3 3.72 -21.03 -8.19
CA GLU A 3 3.79 -19.96 -9.19
C GLU A 3 2.44 -19.30 -9.39
N VAL A 4 2.40 -18.28 -10.24
CA VAL A 4 1.20 -17.47 -10.46
C VAL A 4 0.93 -17.42 -11.97
N GLU A 5 -0.27 -17.80 -12.37
CA GLU A 5 -0.69 -17.76 -13.77
C GLU A 5 -1.91 -16.87 -13.91
N GLN A 6 -1.83 -15.89 -14.79
CA GLN A 6 -2.96 -15.01 -15.07
C GLN A 6 -3.08 -14.81 -16.59
N ASP A 7 -4.11 -14.07 -16.99
CA ASP A 7 -4.47 -13.98 -18.40
C ASP A 7 -3.39 -13.27 -19.20
N PRO A 8 -3.03 -13.79 -20.37
CA PRO A 8 -2.01 -13.11 -21.18
C PRO A 8 -2.37 -11.69 -21.60
N GLY A 9 -3.64 -11.42 -21.92
CA GLY A 9 -4.04 -10.13 -22.44
C GLY A 9 -3.52 -9.85 -23.84
N PRO A 10 -3.55 -8.57 -24.25
CA PRO A 10 -4.18 -7.41 -23.59
C PRO A 10 -5.69 -7.44 -23.63
N PHE A 11 -6.35 -6.79 -22.66
CA PHE A 11 -7.78 -6.52 -22.74
C PHE A 11 -8.00 -5.15 -23.36
N ASN A 12 -9.01 -5.05 -24.21
CA ASN A 12 -9.38 -3.80 -24.87
C ASN A 12 -10.86 -3.58 -24.66
N VAL A 13 -11.22 -2.63 -23.79
CA VAL A 13 -12.64 -2.47 -23.45
C VAL A 13 -13.08 -1.02 -23.61
N PRO A 14 -14.34 -0.79 -23.95
CA PRO A 14 -14.86 0.59 -23.96
C PRO A 14 -14.92 1.18 -22.57
N GLU A 15 -14.82 2.50 -22.50
CA GLU A 15 -14.92 3.19 -21.22
C GLU A 15 -16.28 2.94 -20.60
N GLY A 16 -16.29 2.68 -19.29
CA GLY A 16 -17.49 2.33 -18.57
C GLY A 16 -17.85 0.86 -18.56
N ALA A 17 -17.09 0.03 -19.26
CA ALA A 17 -17.30 -1.41 -19.26
C ALA A 17 -16.79 -2.04 -17.95
N THR A 18 -17.39 -3.16 -17.58
CA THR A 18 -16.94 -3.95 -16.45
C THR A 18 -15.88 -4.94 -16.92
N VAL A 19 -14.75 -4.99 -16.21
CA VAL A 19 -13.62 -5.83 -16.60
C VAL A 19 -13.37 -6.86 -15.50
N ALA A 20 -13.06 -8.09 -15.92
CA ALA A 20 -12.81 -9.19 -14.99
C ALA A 20 -11.41 -9.75 -15.25
N PHE A 21 -10.67 -9.96 -14.17
CA PHE A 21 -9.31 -10.50 -14.20
C PHE A 21 -9.27 -11.81 -13.43
N ASN A 22 -8.51 -12.75 -13.97
CA ASN A 22 -8.53 -14.15 -13.59
C ASN A 22 -7.11 -14.55 -13.18
N CYS A 23 -6.97 -15.26 -12.07
CA CYS A 23 -5.63 -15.63 -11.64
C CYS A 23 -5.68 -16.93 -10.82
N THR A 24 -4.64 -17.74 -11.00
CA THR A 24 -4.51 -19.05 -10.36
C THR A 24 -3.11 -19.17 -9.80
N TYR A 25 -2.96 -20.02 -8.78
CA TYR A 25 -1.70 -20.14 -8.06
C TYR A 25 -1.57 -21.55 -7.51
N SER A 26 -0.35 -21.89 -7.11
CA SER A 26 -0.05 -23.23 -6.61
C SER A 26 -0.18 -23.33 -5.09
N ASN A 27 0.53 -22.47 -4.37
CA ASN A 27 0.51 -22.50 -2.90
C ASN A 27 -0.83 -21.99 -2.40
N SER A 28 -1.67 -22.91 -1.90
CA SER A 28 -3.01 -22.57 -1.42
C SER A 28 -3.03 -22.04 0.01
N ALA A 29 -1.95 -22.18 0.77
CA ALA A 29 -1.89 -21.74 2.16
C ALA A 29 -1.32 -20.35 2.34
N SER A 30 -0.99 -19.66 1.25
CA SER A 30 -0.29 -18.38 1.36
C SER A 30 -1.12 -17.37 2.14
N GLN A 31 -0.47 -16.65 3.06
CA GLN A 31 -1.19 -15.83 4.02
C GLN A 31 -1.89 -14.64 3.36
N SER A 32 -1.37 -14.13 2.25
CA SER A 32 -1.86 -12.87 1.71
C SER A 32 -1.88 -12.89 0.20
N PHE A 33 -2.86 -12.20 -0.37
CA PHE A 33 -3.03 -12.06 -1.80
C PHE A 33 -3.31 -10.59 -2.13
N PHE A 34 -2.76 -10.13 -3.25
CA PHE A 34 -2.86 -8.72 -3.60
C PHE A 34 -3.06 -8.57 -5.09
N TRP A 35 -3.71 -7.48 -5.47
CA TRP A 35 -3.71 -6.96 -6.83
C TRP A 35 -2.88 -5.69 -6.83
N TYR A 36 -1.89 -5.63 -7.72
CA TYR A 36 -1.04 -4.47 -7.90
C TYR A 36 -1.28 -3.87 -9.28
N ARG A 37 -1.02 -2.58 -9.40
CA ARG A 37 -1.15 -1.87 -10.68
C ARG A 37 0.21 -1.38 -11.13
N GLN A 38 0.41 -1.32 -12.45
CA GLN A 38 1.67 -0.86 -13.00
C GLN A 38 1.43 -0.07 -14.29
N ASP A 39 1.97 1.14 -14.35
CA ASP A 39 1.99 1.89 -15.60
C ASP A 39 3.16 1.41 -16.46
N CYS A 40 3.10 1.77 -17.76
CA CYS A 40 4.11 1.28 -18.70
C CYS A 40 5.51 1.67 -18.26
N ARG A 41 5.76 2.96 -18.08
CA ARG A 41 7.06 3.45 -17.64
C ARG A 41 7.03 3.77 -16.14
N LYS A 42 6.66 2.79 -15.34
CA LYS A 42 6.52 3.02 -13.90
C LYS A 42 6.80 1.71 -13.17
N GLU A 43 6.39 1.66 -11.91
CA GLU A 43 6.66 0.57 -10.98
C GLU A 43 5.35 0.06 -10.41
N PRO A 44 5.32 -1.19 -9.96
CA PRO A 44 4.08 -1.73 -9.39
C PRO A 44 3.66 -0.93 -8.17
N LYS A 45 2.35 -0.76 -8.03
CA LYS A 45 1.75 -0.07 -6.90
C LYS A 45 0.57 -0.91 -6.42
N LEU A 46 0.42 -1.01 -5.10
CA LEU A 46 -0.67 -1.80 -4.55
C LEU A 46 -2.00 -1.23 -4.99
N LEU A 47 -2.89 -2.11 -5.46
CA LEU A 47 -4.24 -1.72 -5.81
C LEU A 47 -5.25 -2.17 -4.75
N MET A 48 -5.19 -3.45 -4.35
CA MET A 48 -6.13 -3.90 -3.33
C MET A 48 -5.64 -5.20 -2.70
N SER A 49 -5.82 -5.33 -1.39
CA SER A 49 -5.67 -6.61 -0.73
C SER A 49 -6.90 -7.47 -0.98
N VAL A 50 -6.72 -8.79 -0.98
CA VAL A 50 -7.81 -9.73 -1.23
C VAL A 50 -7.87 -10.71 -0.07
N TYR A 51 -9.07 -10.89 0.49
CA TYR A 51 -9.31 -11.78 1.60
C TYR A 51 -10.29 -12.87 1.18
N SER A 52 -10.45 -13.88 2.03
CA SER A 52 -11.37 -14.98 1.72
C SER A 52 -12.80 -14.50 1.60
N SER A 53 -13.13 -13.41 2.30
CA SER A 53 -14.43 -12.75 2.15
C SER A 53 -14.44 -11.77 0.99
N GLY A 54 -13.37 -11.74 0.20
CA GLY A 54 -13.25 -10.79 -0.87
C GLY A 54 -12.84 -9.43 -0.34
N ASN A 55 -12.92 -8.43 -1.21
CA ASN A 55 -12.71 -7.06 -0.77
C ASN A 55 -13.39 -6.12 -1.76
N GLU A 56 -13.69 -4.92 -1.27
CA GLU A 56 -14.40 -3.92 -2.05
C GLU A 56 -13.80 -2.55 -1.74
N ASP A 57 -13.48 -1.82 -2.80
CA ASP A 57 -12.91 -0.47 -2.67
C ASP A 57 -13.41 0.32 -3.88
N GLY A 58 -14.46 1.10 -3.68
CA GLY A 58 -15.01 1.88 -4.77
C GLY A 58 -15.46 0.97 -5.90
N ARG A 59 -14.95 1.23 -7.10
CA ARG A 59 -15.30 0.48 -8.29
C ARG A 59 -14.55 -0.85 -8.39
N PHE A 60 -13.62 -1.14 -7.49
CA PHE A 60 -12.85 -2.37 -7.55
C PHE A 60 -13.39 -3.38 -6.53
N THR A 61 -13.53 -4.63 -6.96
CA THR A 61 -13.88 -5.72 -6.07
C THR A 61 -12.96 -6.89 -6.36
N ALA A 62 -12.82 -7.77 -5.37
CA ALA A 62 -11.89 -8.89 -5.50
C ALA A 62 -12.43 -10.10 -4.77
N GLN A 63 -12.18 -11.26 -5.34
CA GLN A 63 -12.64 -12.54 -4.80
C GLN A 63 -11.47 -13.49 -4.66
N LEU A 64 -11.54 -14.34 -3.63
CA LEU A 64 -10.51 -15.32 -3.34
C LEU A 64 -11.15 -16.62 -2.88
N ASN A 65 -10.79 -17.72 -3.53
CA ASN A 65 -11.21 -19.07 -3.14
C ASN A 65 -9.93 -19.89 -3.00
N ARG A 66 -9.52 -20.15 -1.76
CA ARG A 66 -8.27 -20.84 -1.51
C ARG A 66 -8.34 -22.30 -1.95
N ALA A 67 -9.48 -22.96 -1.71
CA ALA A 67 -9.58 -24.37 -2.08
C ALA A 67 -9.51 -24.54 -3.58
N SER A 68 -10.15 -23.64 -4.33
CA SER A 68 -10.12 -23.68 -5.78
C SER A 68 -8.90 -22.99 -6.37
N GLN A 69 -8.06 -22.37 -5.53
CA GLN A 69 -6.86 -21.67 -5.97
C GLN A 69 -7.21 -20.59 -7.00
N TYR A 70 -8.28 -19.86 -6.73
CA TYR A 70 -8.83 -18.90 -7.68
C TYR A 70 -8.82 -17.52 -7.05
N ILE A 71 -8.43 -16.50 -7.82
CA ILE A 71 -8.52 -15.13 -7.37
C ILE A 71 -8.93 -14.26 -8.55
N SER A 72 -9.80 -13.29 -8.29
CA SER A 72 -10.41 -12.52 -9.36
C SER A 72 -10.48 -11.05 -8.96
N LEU A 73 -10.36 -10.20 -9.97
CA LEU A 73 -10.53 -8.76 -9.83
C LEU A 73 -11.66 -8.29 -10.74
N LEU A 74 -12.46 -7.34 -10.27
CA LEU A 74 -13.58 -6.82 -11.05
C LEU A 74 -13.57 -5.30 -10.96
N ILE A 75 -13.47 -4.66 -12.13
CA ILE A 75 -13.46 -3.20 -12.24
C ILE A 75 -14.79 -2.76 -12.83
N ARG A 76 -15.49 -1.88 -12.10
CA ARG A 76 -16.73 -1.29 -12.55
C ARG A 76 -16.50 0.09 -13.13
N ASP A 77 -17.31 0.46 -14.11
CA ASP A 77 -17.29 1.79 -14.73
C ASP A 77 -15.85 2.18 -15.09
N SER A 78 -15.23 1.32 -15.88
CA SER A 78 -13.81 1.48 -16.17
C SER A 78 -13.54 2.82 -16.83
N LYS A 79 -12.48 3.48 -16.38
CA LYS A 79 -12.08 4.79 -16.88
C LYS A 79 -10.76 4.68 -17.62
N LEU A 80 -10.40 5.77 -18.29
CA LEU A 80 -9.12 5.83 -18.98
C LEU A 80 -7.95 5.67 -18.02
N SER A 81 -8.09 6.19 -16.79
CA SER A 81 -7.02 6.09 -15.81
C SER A 81 -6.78 4.65 -15.37
N ASP A 82 -7.75 3.77 -15.56
CA ASP A 82 -7.58 2.36 -15.23
C ASP A 82 -6.66 1.63 -16.22
N SER A 83 -6.37 2.22 -17.38
CA SER A 83 -5.50 1.59 -18.35
C SER A 83 -4.11 1.37 -17.77
N ALA A 84 -3.72 0.10 -17.61
CA ALA A 84 -2.48 -0.26 -16.94
C ALA A 84 -2.33 -1.78 -16.94
N THR A 85 -1.20 -2.28 -16.48
CA THR A 85 -0.99 -3.71 -16.30
C THR A 85 -1.35 -4.09 -14.87
N TYR A 86 -2.26 -5.05 -14.72
CA TYR A 86 -2.68 -5.51 -13.40
C TYR A 86 -1.97 -6.81 -13.06
N LEU A 87 -1.35 -6.85 -11.89
CA LEU A 87 -0.50 -7.95 -11.46
C LEU A 87 -1.15 -8.68 -10.30
N CYS A 88 -1.28 -9.99 -10.44
CA CYS A 88 -1.74 -10.87 -9.37
C CYS A 88 -0.54 -11.25 -8.51
N VAL A 89 -0.62 -10.99 -7.20
CA VAL A 89 0.53 -11.13 -6.32
C VAL A 89 0.15 -12.08 -5.18
N VAL A 90 1.05 -13.01 -4.88
CA VAL A 90 0.88 -13.94 -3.77
C VAL A 90 2.01 -13.71 -2.78
N ASN A 91 1.72 -13.84 -1.48
CA ASN A 91 2.72 -13.58 -0.43
C ASN A 91 2.78 -14.79 0.50
N PRO A 92 3.45 -15.86 0.09
CA PRO A 92 3.54 -17.06 0.94
C PRO A 92 4.26 -16.79 2.26
N HIS A 93 5.51 -16.32 2.25
CA HIS A 93 6.18 -16.03 3.51
C HIS A 93 6.51 -14.56 3.70
N ALA A 94 7.37 -13.97 2.87
CA ALA A 94 7.47 -12.52 2.83
C ALA A 94 7.71 -12.07 1.41
N ARG A 95 8.12 -13.01 0.55
CA ARG A 95 8.52 -12.70 -0.81
C ARG A 95 7.30 -12.62 -1.69
N LEU A 96 7.00 -11.44 -2.21
CA LEU A 96 5.91 -11.30 -3.18
C LEU A 96 6.27 -12.07 -4.44
N MET A 97 5.31 -12.83 -4.95
CA MET A 97 5.42 -13.52 -6.24
C MET A 97 4.39 -12.90 -7.17
N PHE A 98 4.87 -12.21 -8.19
CA PHE A 98 4.02 -11.55 -9.16
C PHE A 98 3.73 -12.48 -10.33
N GLY A 99 2.53 -12.33 -10.89
CA GLY A 99 2.25 -12.94 -12.17
C GLY A 99 2.79 -12.09 -13.31
N ASP A 100 2.71 -12.63 -14.52
CA ASP A 100 3.17 -11.89 -15.68
C ASP A 100 2.32 -10.64 -15.93
N GLY A 101 1.11 -10.61 -15.41
CA GLY A 101 0.26 -9.44 -15.49
C GLY A 101 -0.65 -9.47 -16.71
N THR A 102 -1.73 -8.71 -16.61
CA THR A 102 -2.69 -8.56 -17.70
C THR A 102 -2.83 -7.08 -18.01
N GLN A 103 -2.44 -6.68 -19.22
CA GLN A 103 -2.58 -5.31 -19.64
C GLN A 103 -4.05 -4.99 -19.92
N LEU A 104 -4.47 -3.78 -19.60
CA LEU A 104 -5.84 -3.33 -19.84
C LEU A 104 -5.79 -1.95 -20.48
N VAL A 105 -6.44 -1.83 -21.63
CA VAL A 105 -6.57 -0.56 -22.34
C VAL A 105 -8.06 -0.22 -22.43
N VAL A 106 -8.40 1.00 -22.04
CA VAL A 106 -9.77 1.47 -21.98
C VAL A 106 -9.94 2.55 -23.03
N LYS A 107 -10.80 2.30 -24.02
CA LYS A 107 -11.01 3.26 -25.09
C LYS A 107 -11.99 4.34 -24.64
N PRO A 108 -11.58 5.60 -24.63
CA PRO A 108 -12.53 6.67 -24.31
C PRO A 108 -13.64 6.77 -25.35
N ASN A 109 -14.83 7.15 -24.87
CA ASN A 109 -15.96 7.43 -25.75
C ASN A 109 -15.86 8.89 -26.18
N ILE A 110 -15.58 9.12 -27.46
CA ILE A 110 -15.42 10.48 -27.96
C ILE A 110 -16.79 11.14 -28.03
N GLN A 111 -16.95 12.27 -27.34
CA GLN A 111 -18.26 12.91 -27.25
C GLN A 111 -18.70 13.48 -28.60
N ASN A 112 -17.83 14.27 -29.22
CA ASN A 112 -18.13 14.95 -30.48
C ASN A 112 -16.98 14.71 -31.44
N PRO A 113 -16.92 13.54 -32.07
CA PRO A 113 -15.80 13.26 -32.98
C PRO A 113 -15.75 14.30 -34.10
N ASP A 114 -14.54 14.74 -34.41
CA ASP A 114 -14.30 15.66 -35.52
C ASP A 114 -12.95 15.33 -36.14
N PRO A 115 -12.85 14.18 -36.82
CA PRO A 115 -11.54 13.74 -37.29
C PRO A 115 -10.95 14.70 -38.31
N ALA A 116 -9.63 14.84 -38.26
CA ALA A 116 -8.93 15.67 -39.24
C ALA A 116 -7.45 15.35 -39.24
N VAL A 117 -6.82 15.54 -40.39
CA VAL A 117 -5.38 15.46 -40.55
C VAL A 117 -4.89 16.88 -40.83
N TYR A 118 -4.19 17.45 -39.85
CA TYR A 118 -3.61 18.78 -39.98
C TYR A 118 -2.12 18.70 -40.28
N GLN A 119 -1.60 19.74 -40.92
CA GLN A 119 -0.17 19.91 -41.12
C GLN A 119 0.37 20.87 -40.06
N LEU A 120 1.44 20.48 -39.39
CA LEU A 120 2.04 21.27 -38.32
C LEU A 120 3.47 21.58 -38.71
N ARG A 121 3.77 22.87 -38.88
CA ARG A 121 5.06 23.34 -39.35
C ARG A 121 6.05 23.45 -38.21
N ASP A 122 7.32 23.18 -38.54
CA ASP A 122 8.40 23.35 -37.56
C ASP A 122 8.51 24.83 -37.17
N SER A 123 8.69 25.08 -35.87
CA SER A 123 8.78 26.45 -35.39
C SER A 123 10.15 27.06 -35.61
N LYS A 124 11.16 26.28 -35.99
CA LYS A 124 12.49 26.80 -36.25
C LYS A 124 12.67 27.15 -37.73
N SER A 125 11.70 27.86 -38.29
CA SER A 125 11.77 28.43 -39.64
C SER A 125 12.31 27.42 -40.66
N SER A 126 11.53 26.36 -40.88
CA SER A 126 11.97 25.32 -41.80
C SER A 126 10.75 24.69 -42.47
N ASP A 127 11.03 23.98 -43.58
CA ASP A 127 9.98 23.27 -44.30
C ASP A 127 9.44 22.08 -43.50
N LYS A 128 10.19 21.60 -42.51
CA LYS A 128 9.84 20.37 -41.83
C LYS A 128 8.44 20.46 -41.23
N PHE A 129 7.67 19.38 -41.39
CA PHE A 129 6.28 19.38 -40.97
C PHE A 129 5.89 17.97 -40.54
N VAL A 130 4.90 17.90 -39.66
CA VAL A 130 4.31 16.63 -39.25
C VAL A 130 2.82 16.66 -39.55
N CYS A 131 2.24 15.48 -39.70
CA CYS A 131 0.81 15.32 -39.94
C CYS A 131 0.16 14.79 -38.67
N LEU A 132 -0.83 15.51 -38.17
CA LEU A 132 -1.55 15.17 -36.95
C LEU A 132 -2.93 14.65 -37.32
N PHE A 133 -3.16 13.36 -37.13
CA PHE A 133 -4.47 12.74 -37.25
C PHE A 133 -5.13 12.80 -35.88
N THR A 134 -6.26 13.49 -35.77
CA THR A 134 -6.78 13.78 -34.45
C THR A 134 -8.29 13.85 -34.45
N ASP A 135 -8.85 13.76 -33.24
CA ASP A 135 -10.27 13.90 -32.94
C ASP A 135 -11.11 12.83 -33.63
N PHE A 136 -10.54 11.65 -33.85
CA PHE A 136 -11.29 10.52 -34.36
C PHE A 136 -11.82 9.66 -33.22
N ASP A 137 -12.84 8.87 -33.53
CA ASP A 137 -13.40 7.95 -32.56
C ASP A 137 -12.42 6.82 -32.25
N SER A 138 -12.58 6.22 -31.07
CA SER A 138 -11.62 5.27 -30.53
C SER A 138 -11.68 3.91 -31.21
N GLN A 139 -12.66 3.67 -32.08
CA GLN A 139 -12.78 2.35 -32.72
C GLN A 139 -11.79 2.13 -33.85
N ILE A 140 -11.45 3.18 -34.61
CA ILE A 140 -10.56 2.99 -35.75
C ILE A 140 -9.14 2.72 -35.26
N ASN A 141 -8.42 1.91 -36.02
CA ASN A 141 -7.08 1.47 -35.66
C ASN A 141 -6.06 2.10 -36.60
N VAL A 142 -5.16 2.90 -36.04
CA VAL A 142 -4.11 3.54 -36.83
C VAL A 142 -3.05 2.50 -37.14
N SER A 143 -2.96 2.10 -38.41
CA SER A 143 -1.96 1.13 -38.83
C SER A 143 -0.58 1.78 -38.95
N GLN A 144 0.45 0.98 -38.67
CA GLN A 144 1.83 1.46 -38.78
C GLN A 144 2.25 1.55 -40.24
N SER A 145 3.26 2.39 -40.49
CA SER A 145 3.66 2.72 -41.85
C SER A 145 4.15 1.50 -42.62
N LYS A 146 3.84 1.47 -43.92
CA LYS A 146 4.28 0.41 -44.81
C LYS A 146 5.39 0.85 -45.77
N ASP A 147 5.93 2.05 -45.59
CA ASP A 147 7.14 2.47 -46.29
C ASP A 147 8.28 2.65 -45.28
N SER A 148 9.49 2.34 -45.73
CA SER A 148 10.63 2.28 -44.82
C SER A 148 10.97 3.64 -44.21
N ASP A 149 10.66 4.74 -44.90
CA ASP A 149 11.11 6.06 -44.48
C ASP A 149 9.97 6.99 -44.06
N VAL A 150 8.78 6.45 -43.81
CA VAL A 150 7.70 7.20 -43.16
C VAL A 150 7.46 6.55 -41.80
N TYR A 151 7.18 7.38 -40.80
CA TYR A 151 7.02 6.91 -39.43
C TYR A 151 5.68 7.40 -38.89
N ILE A 152 4.91 6.48 -38.33
CA ILE A 152 3.57 6.76 -37.80
C ILE A 152 3.53 6.24 -36.37
N THR A 153 3.22 7.13 -35.43
CA THR A 153 3.10 6.77 -34.03
C THR A 153 1.76 6.10 -33.75
N ASP A 154 1.74 5.27 -32.70
CA ASP A 154 0.52 4.66 -32.23
C ASP A 154 -0.41 5.69 -31.60
N LYS A 155 -1.70 5.37 -31.57
CA LYS A 155 -2.68 6.29 -31.03
C LYS A 155 -2.39 6.63 -29.57
N CYS A 156 -2.51 7.92 -29.25
CA CYS A 156 -2.26 8.47 -27.93
C CYS A 156 -3.52 9.24 -27.52
N VAL A 157 -4.03 8.99 -26.32
CA VAL A 157 -5.28 9.59 -25.87
C VAL A 157 -4.95 10.76 -24.96
N LEU A 158 -5.34 11.96 -25.38
CA LEU A 158 -5.06 13.20 -24.67
C LEU A 158 -6.31 13.60 -23.89
N ASP A 159 -6.10 14.01 -22.64
CA ASP A 159 -7.18 14.40 -21.73
C ASP A 159 -6.91 15.82 -21.23
N MET A 160 -7.62 16.80 -21.80
CA MET A 160 -7.62 18.16 -21.26
C MET A 160 -8.68 18.21 -20.17
N ARG A 161 -8.26 17.96 -18.93
CA ARG A 161 -9.17 17.98 -17.80
C ARG A 161 -9.74 19.37 -17.55
N SER A 162 -9.06 20.43 -18.01
CA SER A 162 -9.54 21.78 -17.79
C SER A 162 -10.87 22.03 -18.47
N MET A 163 -11.17 21.30 -19.55
CA MET A 163 -12.45 21.40 -20.23
C MET A 163 -13.19 20.07 -20.29
N ASP A 164 -12.78 19.09 -19.49
CA ASP A 164 -13.38 17.75 -19.49
C ASP A 164 -13.40 17.16 -20.90
N PHE A 165 -12.33 17.40 -21.65
CA PHE A 165 -12.26 17.04 -23.05
C PHE A 165 -11.25 15.92 -23.26
N LYS A 166 -11.53 15.04 -24.21
CA LYS A 166 -10.66 13.92 -24.53
C LYS A 166 -10.59 13.77 -26.05
N SER A 167 -9.39 13.44 -26.54
CA SER A 167 -9.16 13.36 -27.98
C SER A 167 -8.11 12.31 -28.29
N ASN A 168 -8.34 11.55 -29.35
CA ASN A 168 -7.33 10.63 -29.87
C ASN A 168 -6.38 11.37 -30.80
N SER A 169 -5.14 10.89 -30.90
CA SER A 169 -4.21 11.52 -31.83
C SER A 169 -3.15 10.53 -32.27
N ALA A 170 -2.64 10.74 -33.48
CA ALA A 170 -1.52 9.99 -34.03
C ALA A 170 -0.71 10.92 -34.90
N VAL A 171 0.61 10.73 -34.88
CA VAL A 171 1.54 11.63 -35.56
C VAL A 171 2.26 10.86 -36.65
N ALA A 172 2.38 11.48 -37.82
CA ALA A 172 3.10 10.90 -38.95
C ALA A 172 4.11 11.90 -39.47
N TRP A 173 5.26 11.39 -39.91
CA TRP A 173 6.27 12.27 -40.51
C TRP A 173 7.22 11.42 -41.33
N SER A 174 7.84 12.07 -42.32
CA SER A 174 8.72 11.35 -43.22
C SER A 174 9.82 12.29 -43.73
N ASN A 175 11.00 11.70 -43.95
CA ASN A 175 12.10 12.42 -44.59
C ASN A 175 11.97 12.41 -46.10
N LYS A 176 11.05 11.64 -46.66
CA LYS A 176 10.82 11.64 -48.10
C LYS A 176 10.35 13.01 -48.57
N SER A 177 10.85 13.43 -49.73
CA SER A 177 10.41 14.68 -50.33
C SER A 177 9.12 14.53 -51.12
N ASP A 178 8.66 13.30 -51.35
CA ASP A 178 7.35 13.04 -51.95
C ASP A 178 6.24 12.97 -50.90
N PHE A 179 6.58 13.12 -49.62
CA PHE A 179 5.63 12.99 -48.53
C PHE A 179 4.62 14.12 -48.54
N THR A 180 3.35 13.78 -48.26
CA THR A 180 2.28 14.75 -48.08
C THR A 180 1.37 14.27 -46.96
N CYS A 181 0.69 15.22 -46.31
CA CYS A 181 -0.22 14.85 -45.23
C CYS A 181 -1.41 14.05 -45.73
N ALA A 182 -1.79 14.22 -47.01
CA ALA A 182 -2.91 13.49 -47.58
C ALA A 182 -2.56 12.06 -47.96
N ASN A 183 -1.29 11.68 -47.95
CA ASN A 183 -0.87 10.31 -48.23
C ASN A 183 -0.20 9.64 -47.03
N ALA A 184 -0.26 10.26 -45.86
CA ALA A 184 0.47 9.75 -44.69
C ALA A 184 -0.25 8.62 -43.97
N PHE A 185 -1.58 8.57 -44.02
CA PHE A 185 -2.37 7.69 -43.17
C PHE A 185 -3.18 6.71 -44.00
N ASN A 186 -3.51 5.57 -43.39
CA ASN A 186 -4.28 4.50 -44.02
C ASN A 186 -5.36 4.08 -43.03
N ASN A 187 -6.54 3.72 -43.52
CA ASN A 187 -7.67 3.39 -42.66
C ASN A 187 -8.15 4.57 -41.81
N SER A 188 -9.06 5.39 -42.35
CA SER A 188 -9.63 6.56 -41.67
C SER A 188 -11.16 6.48 -41.78
N ILE A 189 -11.85 7.62 -41.55
CA ILE A 189 -13.31 7.58 -41.58
C ILE A 189 -13.92 8.57 -42.57
N ILE A 190 -14.03 9.84 -42.20
CA ILE A 190 -14.24 10.96 -43.12
C ILE A 190 -13.56 12.20 -42.51
N PRO A 191 -12.25 12.22 -42.30
CA PRO A 191 -11.61 13.41 -41.74
C PRO A 191 -11.63 14.58 -42.71
N GLU A 192 -11.57 15.78 -42.13
CA GLU A 192 -11.35 17.03 -42.86
C GLU A 192 -9.87 17.13 -43.25
N ASP A 193 -9.54 16.50 -44.38
CA ASP A 193 -8.17 16.44 -44.89
C ASP A 193 -7.83 17.72 -45.65
N THR A 194 -7.79 18.83 -44.90
CA THR A 194 -7.51 20.14 -45.48
C THR A 194 -6.15 20.20 -46.17
N GLY B 1 9.68 9.13 -0.18
CA GLY B 1 9.35 7.80 -0.68
C GLY B 1 10.55 6.87 -0.74
N VAL B 2 10.52 5.92 -1.67
CA VAL B 2 11.63 5.00 -1.89
C VAL B 2 12.53 5.60 -2.97
N THR B 3 13.81 5.79 -2.63
CA THR B 3 14.79 6.32 -3.57
C THR B 3 15.60 5.19 -4.17
N GLN B 4 15.94 5.33 -5.46
CA GLN B 4 16.80 4.38 -6.15
C GLN B 4 17.78 5.15 -7.01
N THR B 5 19.07 4.93 -6.77
CA THR B 5 20.08 5.63 -7.55
C THR B 5 21.12 4.66 -8.08
N PRO B 6 21.65 4.91 -9.28
CA PRO B 6 21.26 5.91 -10.28
C PRO B 6 19.93 5.56 -10.96
N ARG B 7 19.28 6.50 -11.63
CA ARG B 7 18.03 6.21 -12.31
C ARG B 7 18.25 5.40 -13.60
N TYR B 8 19.23 5.79 -14.41
CA TYR B 8 19.52 5.14 -15.68
C TYR B 8 21.02 4.90 -15.81
N LEU B 9 21.39 3.87 -16.56
CA LEU B 9 22.79 3.52 -16.71
C LEU B 9 23.01 2.79 -18.04
N ILE B 10 24.18 3.02 -18.63
CA ILE B 10 24.64 2.31 -19.81
C ILE B 10 25.99 1.69 -19.49
N LYS B 11 26.19 0.45 -19.94
CA LYS B 11 27.41 -0.27 -19.63
C LYS B 11 27.70 -1.27 -20.75
N THR B 12 28.97 -1.65 -20.86
CA THR B 12 29.40 -2.67 -21.80
C THR B 12 29.47 -4.03 -21.10
N ARG B 13 29.38 -5.08 -21.92
CA ARG B 13 29.39 -6.44 -21.40
C ARG B 13 30.71 -6.74 -20.67
N GLY B 14 30.61 -7.40 -19.52
CA GLY B 14 31.75 -7.71 -18.69
C GLY B 14 32.13 -6.70 -17.62
N GLN B 15 31.37 -5.61 -17.48
CA GLN B 15 31.63 -4.62 -16.45
C GLN B 15 30.88 -4.95 -15.15
N GLN B 16 31.26 -4.26 -14.08
CA GLN B 16 30.60 -4.36 -12.79
C GLN B 16 29.77 -3.11 -12.54
N VAL B 17 28.60 -3.28 -11.89
CA VAL B 17 27.71 -2.17 -11.61
C VAL B 17 27.20 -2.26 -10.18
N THR B 18 26.88 -1.11 -9.60
CA THR B 18 26.44 -1.00 -8.20
C THR B 18 25.20 -0.12 -8.13
N LEU B 19 24.06 -0.71 -7.81
CA LEU B 19 22.81 0.02 -7.62
C LEU B 19 22.54 0.19 -6.12
N SER B 20 21.87 1.29 -5.77
CA SER B 20 21.58 1.61 -4.38
C SER B 20 20.12 1.99 -4.23
N CYS B 21 19.56 1.69 -3.06
CA CYS B 21 18.16 1.97 -2.77
C CYS B 21 18.01 2.38 -1.32
N SER B 22 17.37 3.53 -1.11
CA SER B 22 17.04 4.03 0.22
C SER B 22 15.56 3.80 0.48
N PRO B 23 15.19 3.02 1.48
CA PRO B 23 13.77 2.73 1.72
C PRO B 23 13.05 3.93 2.33
N ILE B 24 11.72 3.78 2.45
CA ILE B 24 10.93 4.76 3.19
C ILE B 24 11.44 4.80 4.63
N SER B 25 11.44 5.99 5.22
CA SER B 25 11.90 6.13 6.59
C SER B 25 11.06 5.26 7.52
N GLY B 26 11.74 4.52 8.40
CA GLY B 26 11.09 3.58 9.27
C GLY B 26 10.85 2.20 8.69
N HIS B 27 11.23 1.95 7.45
CA HIS B 27 11.09 0.64 6.82
C HIS B 27 12.40 -0.12 6.92
N ARG B 28 12.34 -1.34 7.45
CA ARG B 28 13.54 -2.15 7.64
C ARG B 28 13.75 -3.19 6.54
N SER B 29 12.69 -3.71 5.93
CA SER B 29 12.82 -4.74 4.92
C SER B 29 13.01 -4.11 3.54
N VAL B 30 14.02 -4.58 2.81
CA VAL B 30 14.29 -4.08 1.46
C VAL B 30 14.47 -5.28 0.53
N SER B 31 13.72 -5.30 -0.56
CA SER B 31 13.72 -6.41 -1.50
C SER B 31 14.06 -5.91 -2.90
N TRP B 32 14.77 -6.74 -3.66
CA TRP B 32 15.15 -6.41 -5.03
C TRP B 32 14.45 -7.33 -6.01
N TYR B 33 14.04 -6.78 -7.14
CA TYR B 33 13.36 -7.52 -8.20
C TYR B 33 13.94 -7.11 -9.54
N GLN B 34 13.93 -8.05 -10.49
CA GLN B 34 14.37 -7.78 -11.85
C GLN B 34 13.18 -7.91 -12.80
N GLN B 35 13.11 -7.00 -13.77
CA GLN B 35 12.01 -6.95 -14.73
C GLN B 35 12.58 -6.84 -16.12
N THR B 36 12.35 -7.87 -16.94
CA THR B 36 12.72 -7.94 -18.33
C THR B 36 11.48 -7.95 -19.18
N PRO B 37 11.49 -7.33 -20.36
CA PRO B 37 10.29 -7.40 -21.21
C PRO B 37 9.90 -8.82 -21.60
N GLY B 38 10.86 -9.73 -21.79
CA GLY B 38 10.51 -11.11 -22.09
C GLY B 38 9.95 -11.86 -20.90
N GLN B 39 10.47 -11.58 -19.71
CA GLN B 39 10.02 -12.20 -18.48
C GLN B 39 9.09 -11.25 -17.73
N GLY B 40 8.80 -11.56 -16.47
CA GLY B 40 8.09 -10.65 -15.59
C GLY B 40 8.95 -10.19 -14.44
N LEU B 41 8.32 -9.86 -13.31
CA LEU B 41 9.06 -9.58 -12.08
C LEU B 41 9.64 -10.88 -11.52
N GLN B 42 10.93 -10.85 -11.17
CA GLN B 42 11.59 -12.00 -10.58
C GLN B 42 12.34 -11.56 -9.33
N PHE B 43 12.08 -12.26 -8.23
CA PHE B 43 12.71 -11.94 -6.95
C PHE B 43 14.21 -12.17 -7.01
N LEU B 44 14.99 -11.28 -6.38
CA LEU B 44 16.43 -11.46 -6.26
C LEU B 44 16.84 -11.76 -4.83
N PHE B 45 16.57 -10.85 -3.90
CA PHE B 45 16.92 -11.06 -2.50
C PHE B 45 16.15 -10.07 -1.63
N GLU B 46 15.89 -10.49 -0.40
CA GLU B 46 15.31 -9.62 0.62
C GLU B 46 16.30 -9.47 1.76
N TYR B 47 16.26 -8.30 2.40
CA TYR B 47 17.23 -7.96 3.45
C TYR B 47 16.50 -7.30 4.61
N PHE B 48 16.91 -7.69 5.82
CA PHE B 48 16.39 -7.16 7.07
C PHE B 48 17.51 -7.22 8.10
N SER B 49 17.76 -6.09 8.77
CA SER B 49 18.78 -5.99 9.82
C SER B 49 20.16 -6.43 9.30
N GLU B 50 20.54 -5.88 8.16
CA GLU B 50 21.85 -6.08 7.53
C GLU B 50 22.11 -7.51 7.09
N THR B 51 21.07 -8.36 7.05
CA THR B 51 21.25 -9.77 6.77
C THR B 51 20.40 -10.18 5.58
N GLN B 52 20.96 -11.05 4.74
CA GLN B 52 20.20 -11.63 3.63
C GLN B 52 19.22 -12.65 4.19
N ARG B 53 17.92 -12.34 4.10
CA ARG B 53 16.90 -13.21 4.66
C ARG B 53 16.46 -14.29 3.66
N ASN B 54 16.08 -13.87 2.45
CA ASN B 54 15.50 -14.79 1.47
C ASN B 54 16.19 -14.58 0.13
N LYS B 55 16.64 -15.68 -0.47
CA LYS B 55 17.25 -15.68 -1.79
C LYS B 55 16.18 -15.89 -2.87
N GLY B 56 16.52 -15.47 -4.10
CA GLY B 56 15.59 -15.58 -5.20
C GLY B 56 16.04 -16.44 -6.36
N ASN B 57 17.03 -17.30 -6.16
CA ASN B 57 17.58 -18.16 -7.21
C ASN B 57 18.11 -17.32 -8.38
N PHE B 58 19.15 -16.56 -8.07
CA PHE B 58 19.87 -15.77 -9.05
C PHE B 58 21.36 -16.05 -8.95
N PRO B 59 22.10 -15.89 -10.04
CA PRO B 59 23.54 -16.19 -10.01
C PRO B 59 24.29 -15.26 -9.06
N GLY B 60 25.40 -15.77 -8.52
CA GLY B 60 26.13 -15.05 -7.49
C GLY B 60 26.76 -13.77 -7.96
N ARG B 61 26.82 -13.54 -9.27
CA ARG B 61 27.24 -12.23 -9.77
C ARG B 61 26.28 -11.13 -9.32
N PHE B 62 25.01 -11.49 -9.09
CA PHE B 62 24.03 -10.57 -8.52
C PHE B 62 24.21 -10.57 -7.01
N SER B 63 25.11 -9.71 -6.53
CA SER B 63 25.39 -9.55 -5.11
C SER B 63 24.38 -8.61 -4.46
N GLY B 64 24.30 -8.68 -3.14
CA GLY B 64 23.42 -7.79 -2.39
C GLY B 64 23.98 -7.45 -1.03
N ARG B 65 23.67 -6.24 -0.57
CA ARG B 65 24.11 -5.76 0.74
C ARG B 65 23.02 -4.89 1.35
N GLN B 66 23.13 -4.69 2.67
CA GLN B 66 22.25 -3.78 3.39
C GLN B 66 23.00 -3.28 4.61
N PHE B 67 22.79 -2.01 4.95
CA PHE B 67 23.48 -1.36 6.06
C PHE B 67 22.49 -1.04 7.18
N SER B 68 23.02 -0.49 8.27
CA SER B 68 22.22 -0.25 9.46
C SER B 68 21.14 0.81 9.26
N ASN B 69 21.29 1.68 8.25
CA ASN B 69 20.27 2.67 7.93
C ASN B 69 19.18 2.12 7.03
N SER B 70 19.15 0.80 6.84
CA SER B 70 18.24 0.06 5.97
C SER B 70 18.48 0.34 4.49
N ARG B 71 19.49 1.15 4.15
CA ARG B 71 19.87 1.31 2.75
C ARG B 71 20.45 0.01 2.22
N SER B 72 20.15 -0.30 0.96
CA SER B 72 20.58 -1.55 0.39
C SER B 72 21.26 -1.32 -0.95
N GLU B 73 22.38 -2.01 -1.16
CA GLU B 73 23.11 -1.96 -2.41
C GLU B 73 23.19 -3.35 -3.01
N MET B 74 23.21 -3.40 -4.35
CA MET B 74 23.37 -4.66 -5.06
C MET B 74 24.34 -4.46 -6.21
N ASN B 75 25.23 -5.43 -6.40
CA ASN B 75 26.18 -5.41 -7.50
C ASN B 75 25.80 -6.42 -8.57
N VAL B 76 26.19 -6.10 -9.80
CA VAL B 76 26.08 -7.02 -10.94
C VAL B 76 27.46 -7.02 -11.61
N SER B 77 28.23 -8.07 -11.37
CA SER B 77 29.54 -8.25 -11.97
C SER B 77 29.42 -9.12 -13.23
N THR B 78 30.45 -9.06 -14.06
CA THR B 78 30.51 -9.80 -15.32
C THR B 78 29.24 -9.55 -16.15
N LEU B 79 29.00 -8.28 -16.42
CA LEU B 79 27.76 -7.87 -17.06
C LEU B 79 27.62 -8.57 -18.41
N GLU B 80 26.39 -8.98 -18.73
CA GLU B 80 26.07 -9.67 -19.95
C GLU B 80 24.86 -8.99 -20.58
N LEU B 81 24.72 -9.12 -21.90
CA LEU B 81 23.67 -8.41 -22.61
C LEU B 81 22.28 -8.80 -22.13
N GLY B 82 22.14 -9.99 -21.56
CA GLY B 82 20.84 -10.39 -21.04
C GLY B 82 20.48 -9.77 -19.70
N ASP B 83 21.42 -9.07 -19.07
CA ASP B 83 21.16 -8.37 -17.82
C ASP B 83 20.43 -7.04 -18.02
N SER B 84 20.30 -6.57 -19.26
CA SER B 84 19.58 -5.33 -19.51
C SER B 84 18.14 -5.46 -19.07
N ALA B 85 17.75 -4.66 -18.07
CA ALA B 85 16.46 -4.83 -17.42
C ALA B 85 16.24 -3.68 -16.46
N LEU B 86 15.03 -3.62 -15.90
CA LEU B 86 14.73 -2.68 -14.82
C LEU B 86 14.91 -3.40 -13.49
N TYR B 87 15.74 -2.82 -12.62
CA TYR B 87 16.00 -3.39 -11.30
C TYR B 87 15.22 -2.57 -10.27
N LEU B 88 14.13 -3.15 -9.79
CA LEU B 88 13.23 -2.48 -8.86
C LEU B 88 13.63 -2.77 -7.42
N CYS B 89 13.50 -1.75 -6.57
CA CYS B 89 13.62 -1.90 -5.14
C CYS B 89 12.26 -1.71 -4.49
N ALA B 90 12.01 -2.45 -3.40
CA ALA B 90 10.76 -2.34 -2.68
C ALA B 90 11.05 -2.34 -1.18
N SER B 91 10.32 -1.53 -0.44
CA SER B 91 10.53 -1.39 1.00
C SER B 91 9.27 -1.80 1.75
N SER B 92 9.47 -2.32 2.96
CA SER B 92 8.36 -2.76 3.78
C SER B 92 8.75 -2.65 5.25
N ARG B 93 7.75 -2.45 6.10
CA ARG B 93 7.98 -2.35 7.54
C ARG B 93 8.41 -3.68 8.14
N MET B 94 7.73 -4.77 7.74
CA MET B 94 7.98 -6.11 8.27
C MET B 94 8.01 -6.12 9.80
N ASP B 99 3.34 -5.17 5.79
CA ASP B 99 3.00 -6.17 4.79
C ASP B 99 3.01 -5.59 3.38
N THR B 100 2.69 -4.30 3.28
CA THR B 100 2.66 -3.63 1.99
C THR B 100 4.08 -3.29 1.54
N GLN B 101 4.43 -3.69 0.33
CA GLN B 101 5.75 -3.44 -0.23
C GLN B 101 5.68 -2.28 -1.22
N TYR B 102 6.35 -1.18 -0.89
CA TYR B 102 6.35 0.03 -1.70
C TYR B 102 7.55 0.03 -2.63
N PHE B 103 7.30 0.11 -3.93
CA PHE B 103 8.36 0.01 -4.93
C PHE B 103 8.92 1.39 -5.28
N GLY B 104 10.22 1.44 -5.53
CA GLY B 104 10.84 2.62 -6.07
C GLY B 104 10.73 2.67 -7.58
N PRO B 105 11.17 3.79 -8.15
CA PRO B 105 11.11 3.94 -9.62
C PRO B 105 11.88 2.87 -10.37
N GLY B 106 12.97 2.37 -9.80
CA GLY B 106 13.78 1.35 -10.44
C GLY B 106 14.97 1.94 -11.18
N THR B 107 15.97 1.09 -11.40
CA THR B 107 17.17 1.45 -12.14
C THR B 107 17.15 0.75 -13.49
N ARG B 108 17.17 1.52 -14.57
CA ARG B 108 17.21 0.96 -15.92
C ARG B 108 18.64 0.68 -16.31
N LEU B 109 18.97 -0.59 -16.52
CA LEU B 109 20.32 -1.01 -16.89
C LEU B 109 20.31 -1.51 -18.32
N THR B 110 21.14 -0.90 -19.16
CA THR B 110 21.32 -1.32 -20.55
C THR B 110 22.74 -1.85 -20.72
N VAL B 111 22.86 -3.07 -21.20
CA VAL B 111 24.15 -3.71 -21.47
C VAL B 111 24.34 -3.76 -22.98
N LEU B 112 25.53 -3.39 -23.44
CA LEU B 112 25.82 -3.31 -24.86
C LEU B 112 27.20 -3.88 -25.12
N GLU B 113 27.41 -4.33 -26.36
CA GLU B 113 28.77 -4.65 -26.79
C GLU B 113 29.53 -3.38 -27.16
N ASP B 114 28.88 -2.50 -27.94
CA ASP B 114 29.49 -1.26 -28.39
C ASP B 114 28.93 -0.08 -27.60
N LEU B 115 29.82 0.83 -27.22
CA LEU B 115 29.41 2.17 -26.85
C LEU B 115 29.21 3.07 -28.06
N LYS B 116 29.55 2.56 -29.26
CA LYS B 116 29.56 3.38 -30.46
C LYS B 116 28.16 3.88 -30.84
N ASN B 117 27.13 3.09 -30.57
CA ASN B 117 25.80 3.38 -31.09
C ASN B 117 24.98 4.30 -30.20
N VAL B 118 25.50 4.72 -29.05
CA VAL B 118 24.75 5.62 -28.17
C VAL B 118 24.68 6.99 -28.85
N PHE B 119 23.46 7.47 -29.11
CA PHE B 119 23.26 8.75 -29.78
C PHE B 119 22.21 9.59 -29.05
N PRO B 120 22.47 10.89 -28.88
CA PRO B 120 21.43 11.78 -28.36
C PRO B 120 20.33 12.03 -29.38
N PRO B 121 19.12 12.32 -28.94
CA PRO B 121 18.04 12.68 -29.87
C PRO B 121 18.16 14.10 -30.40
N GLU B 122 17.55 14.31 -31.57
CA GLU B 122 17.25 15.64 -32.08
C GLU B 122 15.79 15.96 -31.78
N VAL B 123 15.53 17.19 -31.33
CA VAL B 123 14.22 17.59 -30.85
C VAL B 123 13.69 18.74 -31.71
N ALA B 124 12.39 18.71 -31.98
CA ALA B 124 11.74 19.81 -32.69
C ALA B 124 10.26 19.85 -32.32
N VAL B 125 9.75 21.06 -32.07
CA VAL B 125 8.32 21.25 -31.88
C VAL B 125 7.72 21.81 -33.15
N PHE B 126 6.45 21.48 -33.37
CA PHE B 126 5.69 21.86 -34.54
C PHE B 126 4.44 22.57 -34.09
N GLU B 127 4.24 23.80 -34.60
CA GLU B 127 3.21 24.75 -34.23
C GLU B 127 1.84 24.32 -34.73
N PRO B 128 0.78 24.68 -34.00
CA PRO B 128 -0.57 24.28 -34.39
C PRO B 128 -0.97 24.87 -35.74
N SER B 129 -1.74 24.09 -36.49
CA SER B 129 -2.27 24.53 -37.77
C SER B 129 -3.42 25.51 -37.57
N LYS B 130 -3.56 26.43 -38.53
CA LYS B 130 -4.64 27.41 -38.46
C LYS B 130 -6.00 26.76 -38.65
N ALA B 131 -6.08 25.66 -39.40
CA ALA B 131 -7.37 25.02 -39.64
C ALA B 131 -7.93 24.42 -38.35
N GLU B 132 -7.07 23.79 -37.55
CA GLU B 132 -7.51 23.27 -36.27
C GLU B 132 -7.95 24.40 -35.34
N ILE B 133 -7.26 25.54 -35.41
CA ILE B 133 -7.63 26.68 -34.58
C ILE B 133 -9.00 27.21 -35.00
N SER B 134 -9.29 27.18 -36.30
CA SER B 134 -10.54 27.75 -36.77
C SER B 134 -11.72 26.83 -36.46
N ARG B 135 -11.55 25.53 -36.68
CA ARG B 135 -12.70 24.62 -36.57
C ARG B 135 -12.83 23.94 -35.22
N THR B 136 -11.82 24.00 -34.34
CA THR B 136 -11.92 23.39 -33.02
C THR B 136 -11.68 24.35 -31.86
N GLN B 137 -11.29 25.60 -32.13
CA GLN B 137 -10.92 26.56 -31.09
C GLN B 137 -9.84 25.99 -30.17
N LYS B 138 -9.02 25.09 -30.71
CA LYS B 138 -7.97 24.42 -29.96
C LYS B 138 -6.71 24.37 -30.80
N ALA B 139 -5.56 24.31 -30.13
CA ALA B 139 -4.27 24.34 -30.79
C ALA B 139 -3.40 23.25 -30.20
N THR B 140 -2.87 22.40 -31.07
CA THR B 140 -2.04 21.27 -30.67
C THR B 140 -0.61 21.49 -31.13
N LEU B 141 0.31 21.67 -30.19
CA LEU B 141 1.73 21.61 -30.49
C LEU B 141 2.18 20.15 -30.47
N VAL B 142 3.11 19.81 -31.34
CA VAL B 142 3.60 18.43 -31.44
C VAL B 142 5.12 18.42 -31.31
N CYS B 143 5.64 17.72 -30.30
CA CYS B 143 7.07 17.57 -30.13
C CYS B 143 7.53 16.24 -30.68
N LEU B 144 8.73 16.24 -31.28
CA LEU B 144 9.31 15.07 -31.92
C LEU B 144 10.77 14.96 -31.50
N ALA B 145 11.16 13.78 -31.03
CA ALA B 145 12.55 13.44 -30.76
C ALA B 145 12.93 12.27 -31.66
N THR B 146 14.09 12.36 -32.29
CA THR B 146 14.48 11.40 -33.32
C THR B 146 15.93 10.99 -33.15
N GLY B 147 16.24 9.77 -33.58
CA GLY B 147 17.62 9.37 -33.75
C GLY B 147 18.39 9.12 -32.49
N PHE B 148 17.74 8.72 -31.41
CA PHE B 148 18.41 8.43 -30.16
C PHE B 148 18.48 6.93 -29.91
N TYR B 149 19.51 6.51 -29.15
CA TYR B 149 19.72 5.13 -28.76
C TYR B 149 20.62 5.14 -27.53
N PRO B 150 20.37 4.29 -26.52
CA PRO B 150 19.23 3.37 -26.32
C PRO B 150 17.91 4.09 -26.06
N PRO B 151 16.76 3.44 -26.34
CA PRO B 151 15.48 4.13 -26.20
C PRO B 151 15.10 4.41 -24.75
N HIS B 152 15.77 5.39 -24.14
CA HIS B 152 15.50 5.76 -22.75
C HIS B 152 15.61 7.28 -22.64
N VAL B 153 14.46 7.95 -22.75
CA VAL B 153 14.37 9.40 -22.64
C VAL B 153 13.13 9.73 -21.83
N GLU B 154 13.12 10.93 -21.26
CA GLU B 154 11.96 11.47 -20.55
C GLU B 154 11.57 12.79 -21.19
N LEU B 155 10.34 12.86 -21.69
CA LEU B 155 9.83 14.06 -22.34
C LEU B 155 8.90 14.81 -21.41
N SER B 156 8.97 16.14 -21.46
CA SER B 156 8.13 16.99 -20.63
C SER B 156 7.85 18.29 -21.35
N TRP B 157 6.73 18.93 -20.99
CA TRP B 157 6.32 20.18 -21.57
C TRP B 157 6.41 21.28 -20.52
N TRP B 158 7.04 22.40 -20.90
CA TRP B 158 7.25 23.54 -20.00
C TRP B 158 6.61 24.76 -20.63
N VAL B 159 5.54 25.25 -20.02
CA VAL B 159 4.85 26.46 -20.47
C VAL B 159 5.26 27.60 -19.55
N ASN B 160 5.84 28.65 -20.14
CA ASN B 160 6.23 29.85 -19.41
C ASN B 160 7.11 29.52 -18.21
N GLY B 161 7.98 28.53 -18.37
CA GLY B 161 8.91 28.14 -17.33
C GLY B 161 8.34 27.23 -16.26
N LYS B 162 7.13 26.72 -16.44
CA LYS B 162 6.52 25.80 -15.47
C LYS B 162 6.08 24.54 -16.19
N GLU B 163 6.46 23.38 -15.65
CA GLU B 163 6.07 22.11 -16.27
C GLU B 163 4.56 21.92 -16.17
N VAL B 164 3.99 21.34 -17.22
CA VAL B 164 2.55 21.12 -17.30
C VAL B 164 2.29 19.64 -17.57
N HIS B 165 1.21 19.13 -16.99
CA HIS B 165 0.78 17.76 -17.20
C HIS B 165 -0.60 17.65 -17.84
N ASP B 166 -1.52 18.53 -17.48
CA ASP B 166 -2.81 18.57 -18.17
C ASP B 166 -2.60 18.97 -19.62
N GLY B 167 -3.36 18.34 -20.52
CA GLY B 167 -3.21 18.64 -21.92
C GLY B 167 -2.02 18.01 -22.61
N VAL B 168 -1.41 16.99 -22.01
CA VAL B 168 -0.21 16.35 -22.55
C VAL B 168 -0.49 14.86 -22.80
N CYS B 169 0.05 14.34 -23.90
CA CYS B 169 0.01 12.91 -24.21
C CYS B 169 1.30 12.52 -24.94
N THR B 170 2.11 11.66 -24.33
CA THR B 170 3.34 11.18 -24.94
C THR B 170 3.19 9.72 -25.31
N ASP B 171 3.91 9.30 -26.35
CA ASP B 171 3.83 7.91 -26.80
C ASP B 171 4.38 6.99 -25.71
N PRO B 172 3.60 5.99 -25.27
CA PRO B 172 4.15 5.03 -24.30
C PRO B 172 5.36 4.28 -24.80
N GLN B 173 5.43 3.99 -26.10
CA GLN B 173 6.48 3.17 -26.68
C GLN B 173 7.26 3.98 -27.70
N PRO B 174 8.58 4.14 -27.55
CA PRO B 174 9.37 4.79 -28.61
C PRO B 174 9.31 3.98 -29.89
N LEU B 175 9.30 4.68 -31.02
CA LEU B 175 9.21 4.05 -32.32
C LEU B 175 10.59 3.63 -32.82
N LYS B 176 10.66 2.41 -33.36
CA LYS B 176 11.89 1.97 -34.01
C LYS B 176 12.00 2.66 -35.37
N GLU B 177 13.10 3.37 -35.60
CA GLU B 177 13.25 4.12 -36.84
C GLU B 177 13.43 3.19 -38.02
N GLN B 178 14.31 2.20 -37.89
CA GLN B 178 14.46 1.16 -38.90
C GLN B 178 14.20 -0.18 -38.23
N PRO B 179 12.98 -0.71 -38.32
CA PRO B 179 12.64 -1.91 -37.54
C PRO B 179 13.53 -3.11 -37.82
N ALA B 180 14.00 -3.25 -39.06
CA ALA B 180 14.82 -4.41 -39.40
C ALA B 180 16.14 -4.43 -38.65
N LEU B 181 16.77 -3.27 -38.46
CA LEU B 181 18.06 -3.21 -37.78
C LEU B 181 17.92 -3.63 -36.33
N ASN B 182 18.83 -4.48 -35.86
CA ASN B 182 18.88 -4.80 -34.44
C ASN B 182 19.50 -3.67 -33.62
N ASP B 183 20.25 -2.77 -34.26
CA ASP B 183 20.87 -1.62 -33.61
C ASP B 183 20.20 -0.32 -34.04
N SER B 184 18.89 -0.37 -34.30
CA SER B 184 18.15 0.79 -34.78
C SER B 184 18.06 1.87 -33.69
N ARG B 185 18.10 3.11 -34.14
CA ARG B 185 17.79 4.25 -33.30
C ARG B 185 16.27 4.41 -33.16
N TYR B 186 15.86 5.25 -32.22
CA TYR B 186 14.47 5.35 -31.84
C TYR B 186 13.94 6.77 -32.01
N ALA B 187 12.62 6.88 -31.98
CA ALA B 187 11.93 8.16 -32.08
C ALA B 187 10.75 8.14 -31.12
N LEU B 188 10.33 9.35 -30.73
CA LEU B 188 9.22 9.52 -29.80
C LEU B 188 8.51 10.82 -30.12
N SER B 189 7.20 10.83 -29.89
CA SER B 189 6.39 12.00 -30.17
C SER B 189 5.47 12.29 -28.99
N SER B 190 5.07 13.55 -28.88
CA SER B 190 4.17 13.97 -27.81
C SER B 190 3.33 15.13 -28.30
N ARG B 191 2.15 15.28 -27.70
CA ARG B 191 1.21 16.31 -28.06
C ARG B 191 0.86 17.13 -26.82
N LEU B 192 0.80 18.46 -27.01
CA LEU B 192 0.34 19.38 -25.98
C LEU B 192 -0.77 20.24 -26.58
N ARG B 193 -1.99 20.07 -26.08
CA ARG B 193 -3.14 20.81 -26.59
C ARG B 193 -3.55 21.89 -25.61
N VAL B 194 -3.85 23.08 -26.15
CA VAL B 194 -4.32 24.22 -25.37
C VAL B 194 -5.47 24.87 -26.13
N SER B 195 -6.14 25.80 -25.47
CA SER B 195 -7.16 26.59 -26.15
C SER B 195 -6.50 27.52 -27.16
N ALA B 196 -7.24 27.84 -28.22
CA ALA B 196 -6.70 28.73 -29.24
C ALA B 196 -6.41 30.12 -28.67
N THR B 197 -7.18 30.55 -27.67
CA THR B 197 -6.89 31.81 -26.99
C THR B 197 -5.53 31.78 -26.30
N PHE B 198 -5.13 30.60 -25.81
CA PHE B 198 -3.83 30.48 -25.17
C PHE B 198 -2.70 30.59 -26.19
N TRP B 199 -2.78 29.83 -27.29
CA TRP B 199 -1.74 29.85 -28.29
C TRP B 199 -1.66 31.19 -29.02
N GLN B 200 -2.79 31.89 -29.17
CA GLN B 200 -2.77 33.15 -29.89
C GLN B 200 -2.06 34.26 -29.12
N ASP B 201 -1.91 34.11 -27.82
CA ASP B 201 -1.19 35.10 -27.02
C ASP B 201 0.29 35.02 -27.35
N PRO B 202 0.92 36.10 -27.82
CA PRO B 202 2.35 36.05 -28.16
C PRO B 202 3.28 36.03 -26.96
N ARG B 203 2.81 36.37 -25.76
CA ARG B 203 3.65 36.36 -24.58
C ARG B 203 3.77 34.98 -23.96
N ASN B 204 3.07 33.97 -24.49
CA ASN B 204 3.17 32.61 -24.00
C ASN B 204 4.34 31.89 -24.64
N HIS B 205 5.09 31.14 -23.83
CA HIS B 205 6.25 30.38 -24.28
C HIS B 205 6.00 28.90 -24.05
N PHE B 206 6.26 28.08 -25.07
CA PHE B 206 6.13 26.63 -24.97
C PHE B 206 7.49 26.01 -25.24
N ARG B 207 7.81 24.95 -24.48
CA ARG B 207 9.06 24.24 -24.69
C ARG B 207 8.83 22.75 -24.49
N CYS B 208 9.40 21.95 -25.38
CA CYS B 208 9.50 20.51 -25.20
C CYS B 208 10.92 20.18 -24.75
N GLN B 209 11.03 19.45 -23.65
CA GLN B 209 12.30 19.06 -23.06
C GLN B 209 12.42 17.54 -23.12
N VAL B 210 13.55 17.06 -23.66
CA VAL B 210 13.82 15.64 -23.78
C VAL B 210 15.11 15.38 -23.03
N GLN B 211 15.00 14.72 -21.88
CA GLN B 211 16.16 14.27 -21.12
C GLN B 211 16.59 12.92 -21.67
N PHE B 212 17.75 12.88 -22.32
CA PHE B 212 18.33 11.64 -22.82
C PHE B 212 19.37 11.14 -21.83
N TYR B 213 19.35 9.83 -21.59
CA TYR B 213 20.24 9.18 -20.64
C TYR B 213 21.30 8.41 -21.43
N GLY B 214 22.56 8.84 -21.31
CA GLY B 214 23.64 8.19 -21.99
C GLY B 214 24.82 7.92 -21.08
N LEU B 215 26.00 8.38 -21.48
CA LEU B 215 27.22 8.16 -20.73
C LEU B 215 27.42 9.27 -19.69
N SER B 216 28.55 9.17 -18.99
CA SER B 216 28.97 10.19 -18.03
C SER B 216 30.47 10.41 -18.20
N GLU B 217 31.01 11.33 -17.40
CA GLU B 217 32.45 11.59 -17.46
C GLU B 217 33.26 10.43 -16.88
N ASN B 218 32.63 9.52 -16.14
CA ASN B 218 33.30 8.28 -15.77
C ASN B 218 33.64 7.45 -17.00
N ASP B 219 32.81 7.48 -18.02
CA ASP B 219 32.99 6.67 -19.22
C ASP B 219 34.05 7.26 -20.14
N GLU B 220 34.66 6.40 -20.94
CA GLU B 220 35.65 6.78 -21.93
C GLU B 220 35.02 6.87 -23.32
N TRP B 221 35.50 7.82 -24.13
CA TRP B 221 35.02 8.02 -25.49
C TRP B 221 36.20 8.30 -26.39
N THR B 222 36.28 7.57 -27.51
CA THR B 222 37.38 7.70 -28.46
C THR B 222 36.85 7.69 -29.90
N GLN B 223 35.84 8.51 -30.15
CA GLN B 223 35.21 8.63 -31.46
C GLN B 223 35.32 10.06 -31.96
N ASP B 224 35.00 10.24 -33.25
CA ASP B 224 35.05 11.57 -33.86
C ASP B 224 34.03 12.51 -33.23
N ARG B 225 32.84 12.00 -32.93
CA ARG B 225 31.76 12.82 -32.42
C ARG B 225 31.95 13.10 -30.93
N ALA B 226 31.23 14.11 -30.45
CA ALA B 226 31.25 14.45 -29.03
C ALA B 226 30.69 13.30 -28.21
N LYS B 227 31.17 13.18 -26.98
CA LYS B 227 30.72 12.11 -26.11
C LYS B 227 29.23 12.30 -25.80
N PRO B 228 28.38 11.32 -26.09
CA PRO B 228 26.93 11.50 -25.88
C PRO B 228 26.52 11.24 -24.43
N VAL B 229 26.94 12.13 -23.54
CA VAL B 229 26.63 12.04 -22.12
C VAL B 229 25.14 12.27 -21.91
N THR B 230 24.66 12.01 -20.70
CA THR B 230 23.29 12.35 -20.35
C THR B 230 23.09 13.85 -20.53
N GLN B 231 21.98 14.24 -21.15
CA GLN B 231 21.84 15.63 -21.57
C GLN B 231 20.37 15.98 -21.74
N ILE B 232 20.12 17.27 -21.92
CA ILE B 232 18.79 17.85 -22.06
C ILE B 232 18.73 18.53 -23.41
N VAL B 233 17.94 17.98 -24.34
CA VAL B 233 17.72 18.62 -25.63
C VAL B 233 16.33 19.23 -25.63
N SER B 234 16.24 20.51 -26.02
CA SER B 234 15.00 21.25 -25.95
C SER B 234 14.64 21.84 -27.30
N ALA B 235 13.35 22.12 -27.47
CA ALA B 235 12.85 22.89 -28.60
C ALA B 235 11.74 23.81 -28.09
N GLU B 236 11.56 24.94 -28.74
CA GLU B 236 10.67 25.97 -28.20
C GLU B 236 9.81 26.57 -29.30
N ALA B 237 8.73 27.22 -28.85
CA ALA B 237 7.82 27.92 -29.75
C ALA B 237 7.16 29.06 -28.98
N TRP B 238 6.87 30.13 -29.70
CA TRP B 238 6.21 31.30 -29.14
C TRP B 238 4.79 31.40 -29.67
N GLY B 239 3.90 31.98 -28.86
CA GLY B 239 2.54 32.16 -29.31
C GLY B 239 2.46 33.11 -30.50
N ARG B 240 1.53 32.82 -31.40
CA ARG B 240 1.38 33.57 -32.63
C ARG B 240 -0.06 34.04 -32.77
N ALA B 241 -0.24 35.32 -33.08
CA ALA B 241 -1.60 35.83 -33.32
C ALA B 241 -2.21 35.20 -34.56
N ASP B 242 -1.43 35.08 -35.63
CA ASP B 242 -1.85 34.42 -36.87
C ASP B 242 -0.68 34.32 -37.84
N GLU C 3 -4.70 -24.03 37.84
CA GLU C 3 -4.94 -22.61 37.57
C GLU C 3 -3.66 -21.80 37.67
N VAL C 4 -3.65 -20.64 37.02
CA VAL C 4 -2.52 -19.73 37.04
C VAL C 4 -3.03 -18.37 37.52
N GLU C 5 -2.71 -18.01 38.75
CA GLU C 5 -3.12 -16.74 39.32
C GLU C 5 -2.14 -15.65 38.95
N GLN C 6 -2.67 -14.50 38.55
CA GLN C 6 -1.89 -13.37 38.09
C GLN C 6 -2.53 -12.09 38.62
N ASP C 7 -1.73 -11.05 38.82
CA ASP C 7 -2.30 -9.79 39.24
C ASP C 7 -2.85 -9.08 38.02
N PRO C 8 -4.17 -8.85 37.94
CA PRO C 8 -4.72 -8.14 36.78
C PRO C 8 -4.22 -6.71 36.73
N GLY C 9 -4.09 -6.20 35.52
CA GLY C 9 -3.70 -4.82 35.36
C GLY C 9 -4.86 -3.89 35.67
N PRO C 10 -4.72 -2.62 35.29
CA PRO C 10 -3.54 -2.01 34.67
C PRO C 10 -2.55 -1.50 35.71
N PHE C 11 -1.27 -1.89 35.58
CA PHE C 11 -0.20 -1.32 36.40
C PHE C 11 0.37 -0.12 35.65
N ASN C 12 0.06 1.08 36.14
CA ASN C 12 0.51 2.31 35.50
C ASN C 12 1.81 2.76 36.15
N VAL C 13 2.88 2.85 35.36
CA VAL C 13 4.19 3.25 35.88
C VAL C 13 4.73 4.40 35.03
N PRO C 14 5.50 5.32 35.61
CA PRO C 14 6.14 6.35 34.80
C PRO C 14 7.20 5.77 33.89
N GLU C 15 7.40 6.44 32.74
CA GLU C 15 8.40 5.99 31.79
C GLU C 15 9.79 6.01 32.42
N GLY C 16 10.56 4.96 32.17
CA GLY C 16 11.90 4.83 32.72
C GLY C 16 11.98 4.24 34.11
N ALA C 17 10.85 3.87 34.71
CA ALA C 17 10.85 3.30 36.05
C ALA C 17 11.09 1.80 35.98
N THR C 18 10.88 1.10 37.09
CA THR C 18 11.06 -0.34 37.17
C THR C 18 9.77 -0.98 37.66
N VAL C 19 9.33 -2.03 36.95
CA VAL C 19 8.08 -2.71 37.27
C VAL C 19 8.40 -4.14 37.68
N ALA C 20 7.55 -4.71 38.53
CA ALA C 20 7.69 -6.10 38.96
C ALA C 20 6.32 -6.73 39.11
N PHE C 21 6.17 -7.93 38.55
CA PHE C 21 4.96 -8.72 38.71
C PHE C 21 5.28 -10.05 39.39
N ASN C 22 4.33 -10.53 40.17
CA ASN C 22 4.37 -11.85 40.78
C ASN C 22 3.19 -12.67 40.29
N CYS C 23 3.46 -13.90 39.89
CA CYS C 23 2.45 -14.85 39.45
C CYS C 23 2.57 -16.13 40.26
N THR C 24 1.45 -16.82 40.46
CA THR C 24 1.44 -18.05 41.21
C THR C 24 0.75 -19.15 40.39
N TYR C 25 1.12 -20.39 40.68
CA TYR C 25 0.49 -21.55 40.06
C TYR C 25 0.18 -22.58 41.15
N SER C 26 -0.92 -23.29 40.97
CA SER C 26 -1.39 -24.25 41.97
C SER C 26 -0.70 -25.60 41.86
N ASN C 27 -0.42 -26.08 40.65
CA ASN C 27 0.09 -27.43 40.45
C ASN C 27 1.61 -27.45 40.51
N SER C 28 2.16 -28.21 41.45
CA SER C 28 3.60 -28.40 41.52
C SER C 28 4.11 -29.34 40.43
N ALA C 29 3.22 -30.08 39.78
CA ALA C 29 3.59 -30.96 38.66
C ALA C 29 3.62 -30.14 37.37
N SER C 30 4.62 -29.27 37.27
CA SER C 30 4.79 -28.39 36.12
C SER C 30 6.27 -28.27 35.82
N GLN C 31 6.67 -28.65 34.61
CA GLN C 31 8.09 -28.66 34.27
C GLN C 31 8.57 -27.34 33.67
N SER C 32 7.70 -26.57 33.00
CA SER C 32 8.16 -25.40 32.28
C SER C 32 7.36 -24.17 32.69
N PHE C 33 8.00 -23.01 32.59
CA PHE C 33 7.37 -21.74 32.94
C PHE C 33 7.89 -20.67 32.00
N PHE C 34 7.00 -19.75 31.62
CA PHE C 34 7.33 -18.73 30.65
C PHE C 34 6.56 -17.45 30.96
N TRP C 35 7.14 -16.33 30.55
CA TRP C 35 6.40 -15.09 30.38
C TRP C 35 6.18 -14.88 28.90
N TYR C 36 4.92 -14.70 28.50
CA TYR C 36 4.56 -14.34 27.14
C TYR C 36 4.07 -12.90 27.14
N ARG C 37 4.07 -12.29 25.96
CA ARG C 37 3.67 -10.90 25.80
C ARG C 37 2.61 -10.81 24.71
N GLN C 38 1.56 -10.01 24.95
CA GLN C 38 0.45 -9.91 24.02
C GLN C 38 0.00 -8.46 23.94
N ASP C 39 0.00 -7.91 22.73
CA ASP C 39 -0.61 -6.61 22.47
C ASP C 39 -2.12 -6.76 22.38
N CYS C 40 -2.81 -5.62 22.40
CA CYS C 40 -4.27 -5.61 22.54
C CYS C 40 -4.94 -6.39 21.41
N ARG C 41 -4.66 -6.03 20.17
CA ARG C 41 -5.25 -6.69 19.01
C ARG C 41 -4.44 -7.88 18.53
N LYS C 42 -3.27 -8.13 19.09
CA LYS C 42 -2.32 -9.09 18.55
C LYS C 42 -2.42 -10.42 19.28
N GLU C 43 -1.47 -11.31 19.00
CA GLU C 43 -1.39 -12.66 19.50
C GLU C 43 -0.26 -12.79 20.51
N PRO C 44 -0.32 -13.76 21.41
CA PRO C 44 0.76 -13.91 22.39
C PRO C 44 2.08 -14.20 21.69
N LYS C 45 3.15 -13.62 22.25
CA LYS C 45 4.50 -13.81 21.74
C LYS C 45 5.40 -14.14 22.92
N LEU C 46 6.38 -15.03 22.69
CA LEU C 46 7.27 -15.40 23.77
C LEU C 46 8.06 -14.18 24.23
N LEU C 47 8.13 -14.00 25.54
CA LEU C 47 8.95 -12.96 26.14
C LEU C 47 10.20 -13.54 26.78
N MET C 48 10.04 -14.52 27.68
CA MET C 48 11.18 -15.10 28.38
C MET C 48 10.81 -16.46 28.94
N SER C 49 11.83 -17.30 29.09
CA SER C 49 11.73 -18.53 29.86
C SER C 49 12.22 -18.28 31.28
N VAL C 50 11.52 -18.86 32.25
CA VAL C 50 11.77 -18.62 33.66
C VAL C 50 12.46 -19.84 34.26
N TYR C 51 13.55 -19.62 34.98
CA TYR C 51 14.31 -20.67 35.62
C TYR C 51 14.52 -20.32 37.09
N SER C 52 14.70 -21.36 37.91
CA SER C 52 14.98 -21.14 39.32
C SER C 52 16.31 -20.43 39.53
N SER C 53 17.29 -20.68 38.67
CA SER C 53 18.56 -19.96 38.76
C SER C 53 18.40 -18.52 38.32
N GLY C 54 17.59 -18.28 37.28
CA GLY C 54 17.38 -16.95 36.76
C GLY C 54 17.66 -16.80 35.29
N ASN C 55 17.11 -15.74 34.69
CA ASN C 55 17.28 -15.46 33.27
C ASN C 55 17.28 -13.95 33.09
N GLU C 56 18.26 -13.42 32.37
CA GLU C 56 18.40 -11.99 32.13
C GLU C 56 18.43 -11.75 30.63
N ASP C 57 17.27 -11.39 30.07
CA ASP C 57 17.16 -11.05 28.66
C ASP C 57 17.18 -9.52 28.50
N GLY C 58 18.34 -8.94 28.81
CA GLY C 58 18.51 -7.51 28.74
C GLY C 58 17.86 -6.76 29.89
N ARG C 59 16.84 -5.97 29.59
CA ARG C 59 16.13 -5.20 30.61
C ARG C 59 15.22 -6.06 31.47
N PHE C 60 14.94 -7.29 31.06
CA PHE C 60 14.01 -8.17 31.77
C PHE C 60 14.76 -9.23 32.56
N THR C 61 14.26 -9.53 33.75
CA THR C 61 14.71 -10.69 34.51
C THR C 61 13.52 -11.41 35.12
N ALA C 62 13.61 -12.73 35.20
CA ALA C 62 12.53 -13.53 35.79
C ALA C 62 13.12 -14.61 36.67
N GLN C 63 12.35 -14.99 37.68
CA GLN C 63 12.80 -16.00 38.63
C GLN C 63 11.67 -16.97 38.94
N LEU C 64 12.03 -18.22 39.16
CA LEU C 64 11.09 -19.28 39.52
C LEU C 64 11.39 -19.77 40.93
N ASN C 65 10.34 -19.98 41.72
CA ASN C 65 10.44 -20.57 43.05
C ASN C 65 9.44 -21.71 43.11
N ARG C 66 9.94 -22.94 42.91
CA ARG C 66 9.09 -24.12 42.95
C ARG C 66 8.57 -24.40 44.36
N ALA C 67 9.31 -23.99 45.40
CA ALA C 67 8.85 -24.24 46.75
C ALA C 67 7.65 -23.37 47.11
N SER C 68 7.74 -22.07 46.81
CA SER C 68 6.61 -21.18 46.98
C SER C 68 5.65 -21.21 45.79
N GLN C 69 6.03 -21.88 44.70
CA GLN C 69 5.22 -21.98 43.49
C GLN C 69 4.86 -20.59 42.95
N TYR C 70 5.90 -19.82 42.62
CA TYR C 70 5.66 -18.49 42.08
C TYR C 70 6.73 -18.13 41.06
N ILE C 71 6.39 -17.17 40.22
CA ILE C 71 7.25 -16.68 39.15
C ILE C 71 7.26 -15.16 39.19
N SER C 72 8.45 -14.57 39.13
CA SER C 72 8.61 -13.12 39.21
C SER C 72 9.16 -12.58 37.90
N LEU C 73 8.60 -11.45 37.46
CA LEU C 73 9.08 -10.70 36.32
C LEU C 73 9.50 -9.30 36.77
N LEU C 74 10.59 -8.80 36.20
CA LEU C 74 11.13 -7.49 36.53
C LEU C 74 11.59 -6.81 35.26
N ILE C 75 11.19 -5.55 35.09
CA ILE C 75 11.51 -4.75 33.91
C ILE C 75 12.10 -3.42 34.36
N ARG C 76 13.26 -3.08 33.82
CA ARG C 76 13.91 -1.79 34.07
C ARG C 76 13.89 -0.95 32.81
N ASP C 77 14.10 0.36 32.99
CA ASP C 77 14.09 1.32 31.89
C ASP C 77 12.80 1.19 31.07
N SER C 78 11.67 1.26 31.78
CA SER C 78 10.37 1.02 31.15
C SER C 78 10.17 1.90 29.93
N LYS C 79 10.20 1.27 28.76
CA LYS C 79 9.96 1.95 27.50
C LYS C 79 8.46 2.01 27.22
N LEU C 80 8.07 2.98 26.38
CA LEU C 80 6.65 3.12 26.04
C LEU C 80 6.14 1.91 25.29
N SER C 81 7.01 1.21 24.55
CA SER C 81 6.59 0.02 23.83
C SER C 81 6.24 -1.13 24.75
N ASP C 82 6.73 -1.11 26.00
CA ASP C 82 6.53 -2.21 26.92
C ASP C 82 5.07 -2.35 27.36
N SER C 83 4.24 -1.32 27.17
CA SER C 83 2.83 -1.44 27.51
C SER C 83 2.20 -2.57 26.70
N ALA C 84 1.73 -3.58 27.40
CA ALA C 84 1.06 -4.74 26.81
C ALA C 84 0.48 -5.56 27.95
N THR C 85 -0.07 -6.72 27.62
CA THR C 85 -0.51 -7.69 28.62
C THR C 85 0.55 -8.79 28.72
N TYR C 86 1.07 -8.98 29.93
CA TYR C 86 2.10 -9.98 30.18
C TYR C 86 1.43 -11.22 30.75
N LEU C 87 1.50 -12.32 30.02
CA LEU C 87 0.84 -13.56 30.39
C LEU C 87 1.81 -14.48 31.11
N CYS C 88 1.37 -14.98 32.27
CA CYS C 88 2.10 -16.00 33.01
C CYS C 88 1.71 -17.37 32.46
N VAL C 89 2.66 -18.09 31.89
CA VAL C 89 2.40 -19.34 31.20
C VAL C 89 3.06 -20.47 31.99
N VAL C 90 2.26 -21.44 32.40
CA VAL C 90 2.75 -22.61 33.11
C VAL C 90 2.53 -23.82 32.21
N ASN C 91 3.55 -24.65 32.08
CA ASN C 91 3.47 -25.88 31.29
C ASN C 91 3.66 -27.06 32.25
N PRO C 92 2.58 -27.72 32.66
CA PRO C 92 2.72 -28.99 33.39
C PRO C 92 3.32 -30.04 32.48
N HIS C 93 2.63 -30.32 31.38
CA HIS C 93 3.13 -31.08 30.25
C HIS C 93 2.09 -31.08 29.15
N ALA C 94 2.53 -31.12 27.90
CA ALA C 94 1.67 -31.42 26.75
C ALA C 94 0.80 -30.24 26.36
N ARG C 95 0.76 -29.18 27.17
CA ARG C 95 0.07 -27.95 26.79
C ARG C 95 0.50 -26.82 27.70
N LEU C 96 0.38 -25.60 27.19
CA LEU C 96 0.59 -24.40 27.99
C LEU C 96 -0.74 -23.91 28.57
N MET C 97 -0.73 -23.57 29.85
CA MET C 97 -1.85 -22.92 30.51
C MET C 97 -1.49 -21.45 30.71
N PHE C 98 -2.39 -20.57 30.30
CA PHE C 98 -2.15 -19.13 30.35
C PHE C 98 -2.97 -18.51 31.47
N GLY C 99 -2.37 -17.56 32.18
CA GLY C 99 -3.11 -16.79 33.15
C GLY C 99 -3.94 -15.72 32.48
N ASP C 100 -4.79 -15.07 33.27
CA ASP C 100 -5.66 -14.03 32.74
C ASP C 100 -4.87 -12.85 32.18
N GLY C 101 -3.64 -12.65 32.63
CA GLY C 101 -2.79 -11.60 32.13
C GLY C 101 -2.64 -10.46 33.12
N THR C 102 -1.61 -9.64 32.87
CA THR C 102 -1.30 -8.48 33.70
C THR C 102 -1.07 -7.29 32.79
N GLN C 103 -2.00 -6.33 32.82
CA GLN C 103 -1.88 -5.16 31.96
C GLN C 103 -0.79 -4.23 32.49
N LEU C 104 0.15 -3.87 31.63
CA LEU C 104 1.14 -2.85 31.94
C LEU C 104 0.84 -1.62 31.11
N VAL C 105 0.83 -0.46 31.76
CA VAL C 105 0.65 0.82 31.09
C VAL C 105 1.76 1.74 31.57
N VAL C 106 2.60 2.20 30.64
CA VAL C 106 3.68 3.12 30.97
C VAL C 106 3.26 4.51 30.52
N LYS C 107 3.14 5.42 31.47
CA LYS C 107 2.78 6.80 31.18
C LYS C 107 4.01 7.54 30.67
N PRO C 108 3.94 8.16 29.49
CA PRO C 108 5.07 8.99 29.04
C PRO C 108 5.29 10.19 29.93
N ASN C 109 6.54 10.60 30.04
CA ASN C 109 6.92 11.76 30.84
C ASN C 109 6.61 13.01 30.03
N ILE C 110 5.45 13.62 30.29
CA ILE C 110 5.07 14.85 29.60
C ILE C 110 5.91 15.98 30.16
N GLN C 111 6.77 16.57 29.33
CA GLN C 111 7.70 17.58 29.80
C GLN C 111 7.01 18.93 29.95
N ASN C 112 6.26 19.34 28.93
CA ASN C 112 5.64 20.67 28.87
C ASN C 112 4.18 20.50 28.50
N PRO C 113 3.33 20.15 29.46
CA PRO C 113 1.91 19.99 29.15
C PRO C 113 1.32 21.28 28.63
N ASP C 114 0.45 21.17 27.63
CA ASP C 114 -0.26 22.30 27.06
C ASP C 114 -1.73 21.90 26.94
N PRO C 115 -2.41 21.73 28.07
CA PRO C 115 -3.77 21.18 28.02
C PRO C 115 -4.67 22.08 27.19
N ALA C 116 -5.41 21.47 26.26
CA ALA C 116 -6.22 22.27 25.37
C ALA C 116 -7.32 21.41 24.76
N VAL C 117 -8.39 22.07 24.33
CA VAL C 117 -9.52 21.43 23.69
C VAL C 117 -9.79 22.20 22.41
N TYR C 118 -9.39 21.64 21.28
CA TYR C 118 -9.58 22.25 19.97
C TYR C 118 -10.83 21.69 19.29
N GLN C 119 -11.35 22.45 18.34
CA GLN C 119 -12.49 22.05 17.54
C GLN C 119 -12.05 21.83 16.11
N LEU C 120 -12.33 20.63 15.58
CA LEU C 120 -11.85 20.21 14.27
C LEU C 120 -13.02 20.03 13.32
N ARG C 121 -12.91 20.62 12.13
CA ARG C 121 -13.99 20.64 11.15
C ARG C 121 -13.90 19.46 10.21
N ASP C 122 -15.06 18.92 9.83
CA ASP C 122 -15.11 17.86 8.83
C ASP C 122 -14.62 18.37 7.48
N SER C 123 -13.88 17.52 6.77
CA SER C 123 -13.33 17.91 5.47
C SER C 123 -14.41 18.05 4.40
N LYS C 124 -15.56 17.37 4.55
CA LYS C 124 -16.61 17.40 3.54
C LYS C 124 -17.86 18.12 4.00
N SER C 125 -17.93 18.59 5.24
CA SER C 125 -19.12 19.27 5.74
C SER C 125 -18.69 20.17 6.91
N SER C 126 -18.66 21.48 6.68
CA SER C 126 -18.10 22.39 7.67
C SER C 126 -18.88 22.40 8.97
N ASP C 127 -20.19 22.17 8.91
CA ASP C 127 -21.00 22.28 10.13
C ASP C 127 -20.84 21.09 11.07
N LYS C 128 -20.34 19.95 10.59
CA LYS C 128 -20.02 18.83 11.46
C LYS C 128 -18.59 18.98 11.99
N PHE C 129 -18.37 18.54 13.23
CA PHE C 129 -17.09 18.77 13.88
C PHE C 129 -16.88 17.75 14.98
N VAL C 130 -15.64 17.74 15.49
CA VAL C 130 -15.26 16.92 16.65
C VAL C 130 -14.42 17.79 17.57
N CYS C 131 -14.26 17.34 18.82
CA CYS C 131 -13.49 18.05 19.82
C CYS C 131 -12.31 17.20 20.25
N LEU C 132 -11.11 17.78 20.23
CA LEU C 132 -9.87 17.07 20.55
C LEU C 132 -9.29 17.67 21.82
N PHE C 133 -9.28 16.89 22.89
CA PHE C 133 -8.64 17.25 24.16
C PHE C 133 -7.24 16.66 24.15
N THR C 134 -6.23 17.53 24.15
CA THR C 134 -4.87 17.07 23.87
C THR C 134 -3.85 17.87 24.68
N ASP C 135 -2.64 17.31 24.72
CA ASP C 135 -1.43 17.86 25.32
C ASP C 135 -1.53 18.00 26.84
N PHE C 136 -2.45 17.27 27.47
CA PHE C 136 -2.51 17.17 28.93
C PHE C 136 -1.51 16.13 29.44
N ASP C 137 -1.13 16.29 30.70
CA ASP C 137 -0.16 15.40 31.32
C ASP C 137 -0.73 14.01 31.57
N SER C 138 0.18 13.02 31.64
CA SER C 138 -0.20 11.61 31.67
C SER C 138 -0.89 11.19 32.95
N GLN C 139 -0.72 11.91 34.07
CA GLN C 139 -1.35 11.50 35.32
C GLN C 139 -2.87 11.56 35.23
N ILE C 140 -3.40 12.33 34.29
CA ILE C 140 -4.84 12.37 34.02
C ILE C 140 -5.21 11.22 33.10
N ASN C 141 -6.43 10.70 33.28
CA ASN C 141 -7.00 9.72 32.38
C ASN C 141 -8.47 10.04 32.16
N VAL C 142 -8.97 9.74 30.97
CA VAL C 142 -10.30 10.13 30.55
C VAL C 142 -11.24 8.95 30.69
N SER C 143 -12.36 9.17 31.39
CA SER C 143 -13.44 8.21 31.49
C SER C 143 -14.48 8.46 30.39
N GLN C 144 -15.38 7.50 30.22
CA GLN C 144 -16.40 7.54 29.18
C GLN C 144 -17.52 8.53 29.54
N SER C 145 -18.31 8.90 28.52
CA SER C 145 -19.34 9.93 28.63
C SER C 145 -20.54 9.47 29.45
N LYS C 146 -21.21 10.43 30.07
CA LYS C 146 -22.49 10.22 30.75
C LYS C 146 -23.68 10.39 29.82
N ASP C 147 -23.63 11.37 28.92
CA ASP C 147 -24.73 11.58 27.98
C ASP C 147 -24.82 10.39 27.03
N SER C 148 -26.05 10.01 26.69
CA SER C 148 -26.29 8.88 25.80
C SER C 148 -26.14 9.26 24.33
N ASP C 149 -25.85 10.53 24.03
CA ASP C 149 -25.59 10.96 22.67
C ASP C 149 -24.23 11.62 22.48
N VAL C 150 -23.50 11.94 23.54
CA VAL C 150 -22.12 12.42 23.46
C VAL C 150 -21.19 11.24 23.70
N TYR C 151 -20.08 11.20 22.96
CA TYR C 151 -19.13 10.10 23.06
C TYR C 151 -17.72 10.66 23.27
N ILE C 152 -16.95 9.95 24.09
CA ILE C 152 -15.57 10.32 24.41
C ILE C 152 -14.71 9.06 24.36
N THR C 153 -13.55 9.17 23.74
CA THR C 153 -12.64 8.05 23.58
C THR C 153 -11.62 7.98 24.72
N ASP C 154 -10.91 6.86 24.78
CA ASP C 154 -9.82 6.67 25.74
C ASP C 154 -8.63 7.58 25.39
N LYS C 155 -7.85 7.89 26.41
CA LYS C 155 -6.59 8.59 26.19
C LYS C 155 -5.66 7.74 25.31
N CYS C 156 -5.00 8.40 24.36
CA CYS C 156 -4.18 7.76 23.34
C CYS C 156 -2.87 8.52 23.28
N VAL C 157 -1.74 7.79 23.26
CA VAL C 157 -0.41 8.40 23.30
C VAL C 157 0.23 8.26 21.92
N LEU C 158 0.47 9.39 21.26
CA LEU C 158 1.14 9.41 19.97
C LEU C 158 2.58 9.90 20.14
N ASP C 159 3.47 9.34 19.33
CA ASP C 159 4.89 9.65 19.36
C ASP C 159 5.31 10.16 17.99
N MET C 160 5.78 11.40 17.93
CA MET C 160 6.49 11.91 16.77
C MET C 160 7.97 11.65 16.98
N ARG C 161 8.47 10.59 16.34
CA ARG C 161 9.89 10.23 16.41
C ARG C 161 10.76 11.25 15.70
N SER C 162 10.22 11.95 14.70
CA SER C 162 10.97 13.00 14.02
C SER C 162 11.17 14.22 14.88
N MET C 163 10.39 14.37 15.95
CA MET C 163 10.53 15.48 16.87
C MET C 163 10.84 15.05 18.30
N ASP C 164 10.96 13.74 18.55
CA ASP C 164 11.15 13.22 19.91
C ASP C 164 10.07 13.76 20.85
N PHE C 165 8.82 13.75 20.39
CA PHE C 165 7.76 14.40 21.17
C PHE C 165 6.55 13.49 21.28
N LYS C 166 6.05 13.33 22.51
CA LYS C 166 4.92 12.46 22.79
C LYS C 166 3.76 13.28 23.34
N SER C 167 2.54 12.90 22.97
CA SER C 167 1.36 13.65 23.40
C SER C 167 0.19 12.72 23.61
N ASN C 168 -0.56 12.99 24.68
CA ASN C 168 -1.81 12.30 24.96
C ASN C 168 -2.98 13.04 24.31
N SER C 169 -4.06 12.30 24.04
CA SER C 169 -5.20 12.90 23.36
C SER C 169 -6.45 12.06 23.57
N ALA C 170 -7.60 12.71 23.37
CA ALA C 170 -8.90 12.07 23.44
C ALA C 170 -9.87 12.84 22.56
N VAL C 171 -10.80 12.11 21.94
CA VAL C 171 -11.75 12.69 21.00
C VAL C 171 -13.16 12.60 21.59
N ALA C 172 -13.94 13.66 21.36
CA ALA C 172 -15.34 13.69 21.76
C ALA C 172 -16.18 14.19 20.59
N TRP C 173 -17.40 13.66 20.50
CA TRP C 173 -18.29 14.05 19.41
C TRP C 173 -19.72 13.69 19.75
N SER C 174 -20.66 14.36 19.07
CA SER C 174 -22.07 14.08 19.28
C SER C 174 -22.87 14.57 18.07
N ASN C 175 -24.00 13.90 17.83
CA ASN C 175 -24.93 14.33 16.78
C ASN C 175 -25.89 15.41 17.25
N LYS C 176 -26.01 15.63 18.57
CA LYS C 176 -26.99 16.57 19.08
C LYS C 176 -26.58 18.01 18.79
N SER C 177 -27.57 18.86 18.50
CA SER C 177 -27.31 20.19 17.94
C SER C 177 -26.63 21.13 18.93
N ASP C 178 -26.96 21.05 20.21
CA ASP C 178 -26.41 21.97 21.20
C ASP C 178 -25.03 21.53 21.69
N PHE C 179 -24.55 20.36 21.27
CA PHE C 179 -23.22 19.90 21.65
C PHE C 179 -22.17 20.92 21.23
N THR C 180 -21.22 21.16 22.13
CA THR C 180 -20.13 22.10 21.90
C THR C 180 -18.88 21.57 22.59
N CYS C 181 -17.73 22.04 22.11
CA CYS C 181 -16.46 21.58 22.68
C CYS C 181 -16.32 21.99 24.14
N ALA C 182 -16.93 23.10 24.54
CA ALA C 182 -16.95 23.46 25.95
C ALA C 182 -17.73 22.44 26.77
N ASN C 183 -18.82 21.90 26.20
CA ASN C 183 -19.59 20.88 26.90
C ASN C 183 -18.90 19.53 26.90
N ALA C 184 -18.02 19.28 25.92
CA ALA C 184 -17.61 17.91 25.61
C ALA C 184 -16.90 17.25 26.79
N PHE C 185 -15.75 17.78 27.17
CA PHE C 185 -14.95 17.19 28.25
C PHE C 185 -15.27 17.90 29.57
N ASN C 186 -16.49 17.67 30.04
CA ASN C 186 -16.95 18.30 31.28
C ASN C 186 -16.20 17.77 32.49
N SER C 188 -11.17 17.99 34.69
CA SER C 188 -10.60 18.11 33.36
C SER C 188 -9.56 19.24 33.29
N ILE C 189 -8.98 19.56 34.44
CA ILE C 189 -7.85 20.50 34.56
C ILE C 189 -8.36 21.90 34.19
N ILE C 190 -7.45 22.85 34.04
CA ILE C 190 -7.80 24.14 33.46
C ILE C 190 -7.08 24.19 32.11
N PRO C 191 -7.71 23.72 31.00
CA PRO C 191 -7.05 23.82 29.70
C PRO C 191 -7.42 25.10 28.95
N GLU C 192 -6.88 25.24 27.74
CA GLU C 192 -7.25 26.33 26.85
C GLU C 192 -8.48 25.90 26.05
N ASP C 193 -9.65 26.32 26.50
CA ASP C 193 -10.90 26.03 25.81
C ASP C 193 -11.19 27.17 24.84
N THR C 194 -10.56 27.08 23.67
CA THR C 194 -10.67 28.10 22.62
C THR C 194 -12.12 28.41 22.25
N GLY D 1 5.49 -15.91 11.44
CA GLY D 1 5.85 -16.97 10.53
C GLY D 1 4.79 -18.04 10.40
N VAL D 2 3.82 -18.04 11.32
CA VAL D 2 2.71 -18.98 11.30
C VAL D 2 1.57 -18.37 10.49
N THR D 3 0.95 -19.19 9.65
CA THR D 3 -0.15 -18.74 8.80
C THR D 3 -1.48 -19.23 9.37
N GLN D 4 -2.50 -18.37 9.32
CA GLN D 4 -3.84 -18.74 9.77
C GLN D 4 -4.87 -18.11 8.84
N THR D 5 -5.81 -18.92 8.36
CA THR D 5 -6.87 -18.44 7.50
C THR D 5 -8.20 -19.06 7.91
N PRO D 6 -9.33 -18.35 7.67
CA PRO D 6 -9.46 -16.91 7.39
C PRO D 6 -9.11 -16.07 8.62
N ARG D 7 -8.59 -14.85 8.45
CA ARG D 7 -8.27 -14.03 9.62
C ARG D 7 -9.51 -13.43 10.27
N TYR D 8 -10.55 -13.13 9.48
CA TYR D 8 -11.81 -12.63 10.01
C TYR D 8 -12.95 -13.35 9.29
N LEU D 9 -14.02 -13.63 10.05
CA LEU D 9 -15.13 -14.38 9.47
C LEU D 9 -16.37 -14.18 10.31
N ILE D 10 -17.52 -14.18 9.64
CA ILE D 10 -18.83 -14.06 10.29
C ILE D 10 -19.68 -15.25 9.86
N LYS D 11 -20.34 -15.88 10.82
CA LYS D 11 -21.22 -17.01 10.56
C LYS D 11 -22.45 -16.93 11.45
N THR D 12 -23.54 -17.51 10.99
CA THR D 12 -24.78 -17.54 11.75
C THR D 12 -24.86 -18.80 12.61
N ARG D 13 -25.76 -18.77 13.60
CA ARG D 13 -25.91 -19.89 14.52
C ARG D 13 -26.32 -21.15 13.76
N GLY D 14 -25.67 -22.27 14.12
CA GLY D 14 -25.95 -23.56 13.53
C GLY D 14 -25.11 -23.92 12.33
N GLN D 15 -24.33 -22.98 11.79
CA GLN D 15 -23.44 -23.26 10.67
C GLN D 15 -22.18 -24.00 11.12
N GLN D 16 -21.54 -24.66 10.15
CA GLN D 16 -20.26 -25.33 10.36
C GLN D 16 -19.12 -24.45 9.88
N VAL D 17 -17.99 -24.53 10.57
CA VAL D 17 -16.82 -23.71 10.25
C VAL D 17 -15.56 -24.56 10.24
N THR D 18 -14.59 -24.16 9.41
CA THR D 18 -13.31 -24.84 9.28
C THR D 18 -12.21 -23.80 9.18
N LEU D 19 -11.30 -23.80 10.16
CA LEU D 19 -10.18 -22.87 10.18
C LEU D 19 -8.89 -23.63 9.89
N SER D 20 -7.97 -22.99 9.17
CA SER D 20 -6.72 -23.61 8.76
C SER D 20 -5.52 -22.85 9.33
N CYS D 21 -4.47 -23.61 9.65
CA CYS D 21 -3.23 -23.06 10.18
C CYS D 21 -2.05 -23.80 9.58
N SER D 22 -1.12 -23.04 9.01
CA SER D 22 0.14 -23.57 8.48
C SER D 22 1.28 -23.24 9.42
N PRO D 23 1.94 -24.25 9.99
CA PRO D 23 3.05 -24.01 10.91
C PRO D 23 4.29 -23.47 10.19
N ILE D 24 5.20 -22.91 10.98
CA ILE D 24 6.49 -22.51 10.46
C ILE D 24 7.17 -23.70 9.81
N SER D 25 7.79 -23.46 8.64
CA SER D 25 8.37 -24.56 7.89
C SER D 25 9.43 -25.27 8.73
N GLY D 26 9.30 -26.59 8.82
CA GLY D 26 10.11 -27.43 9.66
C GLY D 26 9.47 -27.79 10.99
N HIS D 27 8.57 -26.96 11.50
CA HIS D 27 7.81 -27.32 12.69
C HIS D 27 6.78 -28.39 12.37
N ARG D 28 6.54 -29.28 13.33
CA ARG D 28 5.59 -30.36 13.12
C ARG D 28 4.51 -30.45 14.19
N SER D 29 4.56 -29.63 15.23
CA SER D 29 3.52 -29.61 16.25
C SER D 29 2.65 -28.37 16.07
N VAL D 30 1.33 -28.56 16.12
CA VAL D 30 0.37 -27.48 15.93
C VAL D 30 -0.68 -27.58 17.04
N SER D 31 -0.75 -26.56 17.89
CA SER D 31 -1.72 -26.49 18.97
C SER D 31 -2.78 -25.44 18.64
N TRP D 32 -4.02 -25.71 19.05
CA TRP D 32 -5.13 -24.77 18.86
C TRP D 32 -5.61 -24.27 20.21
N TYR D 33 -5.95 -22.98 20.26
CA TYR D 33 -6.45 -22.35 21.48
C TYR D 33 -7.62 -21.45 21.14
N GLN D 34 -8.51 -21.25 22.10
CA GLN D 34 -9.62 -20.32 21.98
C GLN D 34 -9.47 -19.23 23.02
N GLN D 35 -9.70 -17.97 22.60
CA GLN D 35 -9.59 -16.81 23.47
C GLN D 35 -10.91 -16.05 23.42
N THR D 36 -11.50 -15.84 24.59
CA THR D 36 -12.80 -15.21 24.77
C THR D 36 -12.63 -13.94 25.60
N PRO D 37 -13.55 -13.00 25.50
CA PRO D 37 -13.35 -11.71 26.19
C PRO D 37 -13.22 -11.91 27.70
N GLY D 38 -12.35 -11.12 28.31
CA GLY D 38 -12.02 -11.30 29.72
C GLY D 38 -11.15 -12.50 30.06
N GLN D 39 -11.53 -13.69 29.56
CA GLN D 39 -10.83 -14.93 29.84
C GLN D 39 -9.51 -15.00 29.09
N GLY D 40 -8.67 -15.95 29.50
CA GLY D 40 -7.41 -16.24 28.84
C GLY D 40 -7.55 -17.30 27.78
N LEU D 41 -6.40 -17.85 27.39
CA LEU D 41 -6.37 -18.90 26.39
C LEU D 41 -6.97 -20.20 26.94
N GLN D 42 -7.71 -20.91 26.10
CA GLN D 42 -8.28 -22.20 26.44
C GLN D 42 -7.78 -23.23 25.44
N PHE D 43 -7.04 -24.23 25.94
CA PHE D 43 -6.48 -25.24 25.06
C PHE D 43 -7.57 -26.05 24.39
N LEU D 44 -7.43 -26.29 23.09
CA LEU D 44 -8.35 -27.14 22.34
C LEU D 44 -7.77 -28.52 22.08
N PHE D 45 -6.67 -28.60 21.35
CA PHE D 45 -5.99 -29.85 21.05
C PHE D 45 -4.66 -29.56 20.39
N GLU D 46 -3.74 -30.51 20.51
CA GLU D 46 -2.46 -30.46 19.82
C GLU D 46 -2.36 -31.61 18.82
N TYR D 47 -1.70 -31.34 17.70
CA TYR D 47 -1.54 -32.31 16.63
C TYR D 47 -0.07 -32.41 16.25
N PHE D 48 0.40 -33.64 16.09
CA PHE D 48 1.79 -33.92 15.77
C PHE D 48 1.85 -35.24 15.01
N SER D 49 2.54 -35.23 13.87
CA SER D 49 2.62 -36.41 12.99
C SER D 49 1.23 -36.90 12.58
N GLU D 50 0.36 -35.95 12.24
CA GLU D 50 -1.02 -36.24 11.81
C GLU D 50 -1.78 -37.04 12.85
N THR D 51 -1.54 -36.73 14.12
CA THR D 51 -2.18 -37.45 15.22
C THR D 51 -2.43 -36.47 16.36
N GLN D 52 -3.60 -36.58 16.98
CA GLN D 52 -3.94 -35.72 18.12
C GLN D 52 -3.14 -36.17 19.33
N ARG D 53 -2.08 -35.41 19.64
CA ARG D 53 -1.25 -35.76 20.79
C ARG D 53 -2.01 -35.61 22.11
N ASN D 54 -2.75 -34.52 22.26
CA ASN D 54 -3.50 -34.25 23.48
C ASN D 54 -4.74 -33.44 23.13
N LYS D 55 -5.75 -33.55 24.01
CA LYS D 55 -7.05 -32.92 23.80
C LYS D 55 -7.43 -32.12 25.02
N GLY D 56 -8.21 -31.06 24.80
CA GLY D 56 -8.69 -30.21 25.87
C GLY D 56 -10.03 -30.65 26.39
N ASN D 57 -10.75 -29.70 27.00
CA ASN D 57 -12.05 -29.93 27.62
C ASN D 57 -13.19 -29.42 26.76
N PHE D 58 -13.09 -29.58 25.42
CA PHE D 58 -14.14 -29.04 24.57
C PHE D 58 -15.08 -30.14 24.11
N PRO D 59 -16.36 -29.82 23.85
CA PRO D 59 -17.39 -30.87 23.79
C PRO D 59 -17.48 -31.64 22.48
N GLY D 60 -16.36 -32.01 21.89
CA GLY D 60 -16.38 -32.96 20.79
C GLY D 60 -16.87 -32.36 19.49
N ARG D 61 -17.79 -31.41 19.60
CA ARG D 61 -18.26 -30.66 18.43
C ARG D 61 -17.11 -29.87 17.80
N PHE D 62 -16.14 -29.46 18.62
CA PHE D 62 -14.86 -29.00 18.10
C PHE D 62 -14.01 -30.21 17.73
N SER D 63 -13.44 -30.20 16.53
CA SER D 63 -12.64 -31.31 16.06
C SER D 63 -11.42 -30.75 15.34
N GLY D 64 -10.41 -31.59 15.15
CA GLY D 64 -9.19 -31.16 14.49
C GLY D 64 -8.66 -32.21 13.54
N ARG D 65 -7.63 -31.81 12.79
CA ARG D 65 -7.01 -32.66 11.78
C ARG D 65 -5.66 -32.06 11.45
N GLN D 66 -4.70 -32.93 11.12
CA GLN D 66 -3.40 -32.50 10.64
C GLN D 66 -3.02 -33.30 9.40
N PHE D 67 -2.46 -32.61 8.41
CA PHE D 67 -2.11 -33.20 7.13
C PHE D 67 -0.62 -33.53 7.05
N SER D 68 -0.26 -34.26 5.99
CA SER D 68 1.15 -34.58 5.75
C SER D 68 1.99 -33.32 5.54
N ASN D 69 1.37 -32.22 5.15
CA ASN D 69 2.05 -30.93 5.08
C ASN D 69 2.41 -30.37 6.44
N SER D 70 1.92 -30.99 7.52
CA SER D 70 1.88 -30.53 8.90
C SER D 70 0.86 -29.40 9.08
N ARG D 71 0.24 -28.92 8.01
CA ARG D 71 -0.85 -27.96 8.13
C ARG D 71 -2.03 -28.61 8.84
N SER D 72 -2.69 -27.84 9.70
CA SER D 72 -3.77 -28.34 10.52
C SER D 72 -5.05 -27.56 10.24
N GLU D 73 -6.17 -28.20 10.56
CA GLU D 73 -7.48 -27.58 10.44
C GLU D 73 -8.30 -27.95 11.66
N MET D 74 -9.22 -27.06 12.03
CA MET D 74 -10.13 -27.33 13.13
C MET D 74 -11.55 -26.98 12.69
N ASN D 75 -12.47 -27.89 12.95
CA ASN D 75 -13.88 -27.77 12.61
C ASN D 75 -14.71 -27.44 13.85
N VAL D 76 -15.74 -26.63 13.66
CA VAL D 76 -16.79 -26.41 14.65
C VAL D 76 -18.11 -26.57 13.93
N SER D 77 -18.74 -27.73 14.07
CA SER D 77 -20.11 -27.94 13.61
C SER D 77 -21.10 -27.29 14.57
N THR D 78 -22.26 -26.92 14.04
CA THR D 78 -23.36 -26.37 14.84
C THR D 78 -22.87 -25.22 15.72
N LEU D 79 -22.47 -24.14 15.05
CA LEU D 79 -21.90 -23.00 15.75
C LEU D 79 -22.92 -22.38 16.71
N GLU D 80 -22.44 -22.01 17.89
CA GLU D 80 -23.24 -21.34 18.90
C GLU D 80 -22.74 -19.92 19.10
N LEU D 81 -23.60 -19.08 19.69
CA LEU D 81 -23.24 -17.68 19.88
C LEU D 81 -22.04 -17.51 20.79
N GLY D 82 -21.84 -18.46 21.71
CA GLY D 82 -20.70 -18.38 22.62
C GLY D 82 -19.39 -18.79 22.01
N ASP D 83 -19.42 -19.35 20.80
CA ASP D 83 -18.21 -19.73 20.09
C ASP D 83 -17.50 -18.55 19.46
N SER D 84 -18.13 -17.37 19.41
CA SER D 84 -17.46 -16.18 18.91
C SER D 84 -16.22 -15.90 19.76
N ALA D 85 -15.05 -15.87 19.12
CA ALA D 85 -13.80 -15.80 19.86
C ALA D 85 -12.65 -15.60 18.87
N LEU D 86 -11.45 -15.42 19.42
CA LEU D 86 -10.21 -15.44 18.64
C LEU D 86 -9.63 -16.84 18.75
N TYR D 87 -9.60 -17.58 17.64
CA TYR D 87 -9.05 -18.92 17.60
C TYR D 87 -7.60 -18.83 17.15
N LEU D 88 -6.68 -19.01 18.10
CA LEU D 88 -5.25 -18.88 17.84
C LEU D 88 -4.63 -20.25 17.58
N CYS D 89 -3.62 -20.26 16.73
CA CYS D 89 -2.84 -21.45 16.43
C CYS D 89 -1.38 -21.20 16.76
N ALA D 90 -0.73 -22.21 17.32
CA ALA D 90 0.67 -22.13 17.68
C ALA D 90 1.42 -23.31 17.08
N SER D 91 2.68 -23.09 16.76
CA SER D 91 3.50 -24.12 16.14
C SER D 91 4.79 -24.30 16.92
N SER D 92 5.35 -25.50 16.83
CA SER D 92 6.61 -25.81 17.50
C SER D 92 7.31 -26.95 16.77
N ARG D 93 8.63 -27.01 16.96
CA ARG D 93 9.51 -27.90 16.21
C ARG D 93 9.09 -29.37 16.35
N MET D 94 9.18 -29.90 17.56
CA MET D 94 8.67 -31.20 17.93
C MET D 94 7.49 -31.00 18.88
N THR D 95 7.01 -32.09 19.47
CA THR D 95 5.80 -32.06 20.29
C THR D 95 5.83 -30.90 21.27
N GLY D 96 4.80 -30.06 21.20
CA GLY D 96 4.89 -28.73 21.74
C GLY D 96 4.79 -28.69 23.25
N SER D 97 4.65 -27.47 23.78
CA SER D 97 4.56 -27.18 25.20
C SER D 97 5.90 -27.36 25.90
N THR D 98 6.91 -27.85 25.19
CA THR D 98 8.27 -27.92 25.69
C THR D 98 9.21 -26.98 24.96
N ASP D 99 9.12 -26.91 23.64
CA ASP D 99 9.81 -25.91 22.84
C ASP D 99 8.96 -24.65 22.75
N THR D 100 9.57 -23.58 22.24
CA THR D 100 8.86 -22.31 22.08
C THR D 100 7.67 -22.49 21.14
N GLN D 101 6.53 -21.94 21.53
CA GLN D 101 5.30 -22.01 20.74
C GLN D 101 5.08 -20.66 20.07
N TYR D 102 5.15 -20.65 18.73
CA TYR D 102 4.97 -19.44 17.94
C TYR D 102 3.52 -19.36 17.48
N PHE D 103 2.83 -18.28 17.85
CA PHE D 103 1.42 -18.13 17.52
C PHE D 103 1.23 -17.43 16.17
N GLY D 104 0.12 -17.77 15.51
CA GLY D 104 -0.29 -17.10 14.29
C GLY D 104 -1.18 -15.90 14.58
N PRO D 105 -1.59 -15.20 13.51
CA PRO D 105 -2.49 -14.05 13.70
C PRO D 105 -3.80 -14.40 14.37
N GLY D 106 -4.31 -15.59 14.14
CA GLY D 106 -5.57 -16.03 14.73
C GLY D 106 -6.76 -15.71 13.84
N THR D 107 -7.78 -16.57 13.94
CA THR D 107 -9.03 -16.34 13.24
C THR D 107 -10.01 -15.65 14.18
N ARG D 108 -10.48 -14.47 13.78
CA ARG D 108 -11.46 -13.73 14.57
C ARG D 108 -12.85 -14.16 14.10
N LEU D 109 -13.48 -15.08 14.83
CA LEU D 109 -14.77 -15.62 14.44
C LEU D 109 -15.88 -14.94 15.24
N THR D 110 -16.92 -14.51 14.54
CA THR D 110 -18.09 -13.87 15.13
C THR D 110 -19.32 -14.67 14.72
N VAL D 111 -20.09 -15.13 15.69
CA VAL D 111 -21.30 -15.91 15.46
C VAL D 111 -22.50 -15.06 15.84
N LEU D 112 -23.48 -14.99 14.95
CA LEU D 112 -24.63 -14.11 15.11
C LEU D 112 -25.92 -14.88 14.91
N GLU D 113 -27.00 -14.38 15.53
CA GLU D 113 -28.32 -14.95 15.27
C GLU D 113 -28.73 -14.72 13.82
N ASP D 114 -28.34 -13.58 13.24
CA ASP D 114 -28.56 -13.28 11.84
C ASP D 114 -27.64 -12.13 11.46
N LEU D 115 -27.57 -11.84 10.16
CA LEU D 115 -26.66 -10.83 9.63
C LEU D 115 -27.30 -9.44 9.53
N LYS D 116 -28.49 -9.25 10.09
CA LYS D 116 -29.19 -7.98 9.92
C LYS D 116 -28.45 -6.81 10.56
N ASN D 117 -27.71 -7.04 11.63
CA ASN D 117 -27.03 -5.95 12.35
C ASN D 117 -25.62 -5.70 11.83
N VAL D 118 -25.20 -6.36 10.77
CA VAL D 118 -23.87 -6.14 10.20
C VAL D 118 -23.89 -4.85 9.39
N PHE D 119 -23.06 -3.88 9.78
CA PHE D 119 -23.01 -2.61 9.07
C PHE D 119 -21.56 -2.23 8.77
N PRO D 120 -21.29 -1.68 7.58
CA PRO D 120 -19.97 -1.08 7.32
C PRO D 120 -19.81 0.23 8.07
N PRO D 121 -18.58 0.61 8.39
CA PRO D 121 -18.35 1.94 8.98
C PRO D 121 -18.57 3.07 8.00
N GLU D 122 -18.93 4.23 8.54
CA GLU D 122 -18.82 5.51 7.84
C GLU D 122 -17.60 6.24 8.38
N VAL D 123 -16.77 6.76 7.47
CA VAL D 123 -15.49 7.36 7.83
C VAL D 123 -15.54 8.86 7.54
N ALA D 124 -14.93 9.65 8.43
CA ALA D 124 -14.82 11.08 8.22
C ALA D 124 -13.48 11.58 8.75
N VAL D 125 -12.85 12.49 8.02
CA VAL D 125 -11.59 13.10 8.41
C VAL D 125 -11.88 14.54 8.82
N PHE D 126 -11.31 14.95 9.95
CA PHE D 126 -11.48 16.28 10.51
C PHE D 126 -10.11 16.96 10.55
N GLU D 127 -10.04 18.15 9.95
CA GLU D 127 -8.85 18.96 9.74
C GLU D 127 -8.38 19.62 11.04
N PRO D 128 -7.08 19.85 11.18
CA PRO D 128 -6.56 20.50 12.39
C PRO D 128 -7.09 21.92 12.53
N SER D 129 -7.31 22.32 13.79
CA SER D 129 -7.74 23.66 14.10
C SER D 129 -6.59 24.65 13.96
N LYS D 130 -6.92 25.88 13.55
CA LYS D 130 -5.91 26.93 13.47
C LYS D 130 -5.35 27.29 14.84
N ALA D 131 -6.17 27.16 15.89
CA ALA D 131 -5.70 27.52 17.23
C ALA D 131 -4.57 26.58 17.67
N GLU D 132 -4.69 25.29 17.36
CA GLU D 132 -3.61 24.37 17.68
C GLU D 132 -2.35 24.69 16.88
N ILE D 133 -2.52 25.18 15.65
CA ILE D 133 -1.36 25.52 14.83
C ILE D 133 -0.63 26.72 15.42
N SER D 134 -1.38 27.78 15.75
CA SER D 134 -0.75 28.98 16.30
C SER D 134 -0.20 28.75 17.70
N ARG D 135 -0.78 27.81 18.46
CA ARG D 135 -0.37 27.64 19.85
C ARG D 135 0.72 26.60 20.04
N THR D 136 0.77 25.55 19.20
CA THR D 136 1.69 24.46 19.40
C THR D 136 2.60 24.18 18.21
N GLN D 137 2.41 24.88 17.09
CA GLN D 137 3.16 24.63 15.85
C GLN D 137 3.00 23.19 15.38
N LYS D 138 1.87 22.56 15.70
CA LYS D 138 1.59 21.18 15.30
C LYS D 138 0.13 21.08 14.87
N ALA D 139 -0.13 20.18 13.93
CA ALA D 139 -1.46 20.02 13.34
C ALA D 139 -1.92 18.58 13.52
N THR D 140 -3.09 18.40 14.12
CA THR D 140 -3.64 17.08 14.41
C THR D 140 -4.87 16.85 13.53
N LEU D 141 -4.78 15.91 12.59
CA LEU D 141 -5.94 15.41 11.89
C LEU D 141 -6.57 14.27 12.69
N VAL D 142 -7.89 14.17 12.62
CA VAL D 142 -8.63 13.14 13.34
C VAL D 142 -9.47 12.35 12.36
N CYS D 143 -9.41 11.03 12.44
CA CYS D 143 -10.26 10.15 11.65
C CYS D 143 -11.27 9.47 12.57
N LEU D 144 -12.52 9.41 12.12
CA LEU D 144 -13.62 8.85 12.89
C LEU D 144 -14.40 7.87 12.03
N ALA D 145 -14.39 6.60 12.40
CA ALA D 145 -15.27 5.60 11.81
C ALA D 145 -16.42 5.32 12.78
N THR D 146 -17.64 5.23 12.25
CA THR D 146 -18.82 5.11 13.10
C THR D 146 -19.79 4.10 12.50
N GLY D 147 -20.59 3.48 13.37
CA GLY D 147 -21.75 2.72 12.93
C GLY D 147 -21.48 1.34 12.39
N PHE D 148 -20.30 0.77 12.64
CA PHE D 148 -19.96 -0.55 12.13
C PHE D 148 -20.19 -1.63 13.18
N TYR D 149 -20.52 -2.82 12.70
CA TYR D 149 -20.73 -4.03 13.50
C TYR D 149 -20.52 -5.24 12.59
N PRO D 150 -19.79 -6.28 13.04
CA PRO D 150 -19.03 -6.43 14.29
C PRO D 150 -17.82 -5.51 14.39
N PRO D 151 -17.36 -5.18 15.60
CA PRO D 151 -16.25 -4.23 15.73
C PRO D 151 -14.91 -4.80 15.31
N HIS D 152 -14.75 -5.11 14.02
CA HIS D 152 -13.51 -5.68 13.49
C HIS D 152 -13.12 -4.89 12.25
N VAL D 153 -12.24 -3.91 12.47
CA VAL D 153 -11.78 -3.01 11.43
C VAL D 153 -10.29 -2.80 11.59
N GLU D 154 -9.66 -2.27 10.54
CA GLU D 154 -8.24 -1.93 10.55
C GLU D 154 -8.10 -0.53 9.96
N LEU D 155 -7.72 0.43 10.79
CA LEU D 155 -7.55 1.81 10.37
C LEU D 155 -6.10 2.09 10.01
N SER D 156 -5.90 2.92 8.99
CA SER D 156 -4.56 3.29 8.55
C SER D 156 -4.60 4.69 7.97
N TRP D 157 -3.46 5.38 8.07
CA TRP D 157 -3.29 6.70 7.51
C TRP D 157 -2.39 6.61 6.28
N TRP D 158 -2.81 7.25 5.19
CA TRP D 158 -2.06 7.26 3.93
C TRP D 158 -1.78 8.70 3.57
N VAL D 159 -0.52 9.10 3.70
CA VAL D 159 -0.08 10.43 3.31
C VAL D 159 0.65 10.32 1.97
N ASN D 160 0.16 11.05 0.97
CA ASN D 160 0.78 11.11 -0.35
C ASN D 160 1.00 9.71 -0.93
N GLY D 161 0.05 8.81 -0.66
CA GLY D 161 0.09 7.47 -1.20
C GLY D 161 0.91 6.46 -0.41
N LYS D 162 1.53 6.86 0.70
CA LYS D 162 2.29 5.96 1.54
C LYS D 162 1.63 5.86 2.90
N GLU D 163 1.41 4.63 3.38
CA GLU D 163 0.92 4.45 4.74
C GLU D 163 1.96 4.96 5.72
N VAL D 164 1.52 5.70 6.72
CA VAL D 164 2.40 6.29 7.71
C VAL D 164 2.05 5.72 9.08
N HIS D 165 3.07 5.61 9.93
CA HIS D 165 2.89 5.20 11.31
C HIS D 165 3.41 6.22 12.31
N ASP D 166 4.38 7.04 11.92
CA ASP D 166 4.85 8.11 12.79
C ASP D 166 3.75 9.14 13.02
N GLY D 167 3.59 9.55 14.27
CA GLY D 167 2.60 10.56 14.60
C GLY D 167 1.17 10.06 14.68
N VAL D 168 0.97 8.75 14.56
CA VAL D 168 -0.35 8.15 14.52
C VAL D 168 -0.63 7.47 15.87
N CYS D 169 -1.86 7.65 16.36
CA CYS D 169 -2.35 6.94 17.54
C CYS D 169 -3.80 6.57 17.28
N THR D 170 -4.10 5.27 17.29
CA THR D 170 -5.46 4.78 17.10
C THR D 170 -5.97 4.17 18.41
N ASP D 171 -7.26 4.28 18.63
CA ASP D 171 -7.85 3.74 19.85
C ASP D 171 -7.67 2.23 19.89
N PRO D 172 -7.13 1.67 20.98
CA PRO D 172 -6.91 0.22 21.03
C PRO D 172 -8.18 -0.59 20.87
N GLN D 173 -9.33 -0.09 21.35
CA GLN D 173 -10.56 -0.86 21.28
C GLN D 173 -11.68 -0.02 20.69
N PRO D 174 -12.54 -0.63 19.86
CA PRO D 174 -13.75 0.07 19.41
C PRO D 174 -14.69 0.36 20.57
N LEU D 175 -15.39 1.48 20.46
CA LEU D 175 -16.31 1.94 21.50
C LEU D 175 -17.75 1.57 21.13
N LYS D 176 -18.54 1.17 22.12
CA LYS D 176 -19.95 0.90 21.92
C LYS D 176 -20.71 2.22 21.84
N GLU D 177 -21.37 2.47 20.70
CA GLU D 177 -22.19 3.67 20.57
C GLU D 177 -23.42 3.60 21.47
N GLN D 178 -23.90 2.41 21.77
CA GLN D 178 -25.04 2.21 22.66
C GLN D 178 -24.66 1.14 23.68
N PRO D 179 -23.89 1.51 24.71
CA PRO D 179 -23.42 0.49 25.66
C PRO D 179 -24.54 -0.28 26.35
N ALA D 180 -25.70 0.36 26.53
CA ALA D 180 -26.85 -0.31 27.13
C ALA D 180 -27.58 -1.22 26.14
N LEU D 181 -27.19 -1.25 24.87
CA LEU D 181 -27.86 -2.09 23.87
C LEU D 181 -26.99 -3.29 23.53
N ASN D 182 -27.61 -4.47 23.46
CA ASN D 182 -26.87 -5.68 23.09
C ASN D 182 -26.41 -5.64 21.64
N ASP D 183 -27.17 -5.00 20.75
CA ASP D 183 -26.85 -4.95 19.33
C ASP D 183 -26.26 -3.61 18.93
N SER D 184 -25.47 -3.01 19.82
CA SER D 184 -24.91 -1.69 19.56
C SER D 184 -23.91 -1.72 18.41
N ARG D 185 -23.97 -0.71 17.56
CA ARG D 185 -22.92 -0.46 16.59
C ARG D 185 -21.73 0.19 17.28
N TYR D 186 -20.56 0.03 16.65
CA TYR D 186 -19.30 0.47 17.25
C TYR D 186 -18.73 1.69 16.53
N ALA D 187 -17.79 2.34 17.22
CA ALA D 187 -17.09 3.50 16.68
C ALA D 187 -15.62 3.40 17.04
N LEU D 188 -14.79 4.08 16.23
CA LEU D 188 -13.35 4.08 16.42
C LEU D 188 -12.81 5.43 15.98
N SER D 189 -11.75 5.87 16.65
CA SER D 189 -11.13 7.14 16.35
C SER D 189 -9.62 6.97 16.29
N SER D 190 -8.98 7.81 15.48
CA SER D 190 -7.53 7.80 15.33
C SER D 190 -7.07 9.22 15.07
N ARG D 191 -5.80 9.47 15.37
CA ARG D 191 -5.23 10.79 15.18
C ARG D 191 -3.88 10.68 14.50
N LEU D 192 -3.61 11.64 13.61
CA LEU D 192 -2.32 11.77 12.95
C LEU D 192 -1.83 13.18 13.18
N ARG D 193 -0.72 13.33 13.89
CA ARG D 193 -0.17 14.65 14.22
C ARG D 193 1.07 14.89 13.40
N VAL D 194 1.04 15.93 12.57
CA VAL D 194 2.18 16.33 11.75
C VAL D 194 2.60 17.72 12.19
N SER D 195 3.72 18.18 11.63
CA SER D 195 4.14 19.56 11.86
C SER D 195 3.18 20.52 11.17
N ALA D 196 3.04 21.71 11.75
CA ALA D 196 2.20 22.72 11.13
C ALA D 196 2.71 23.09 9.74
N THR D 197 4.03 23.03 9.53
CA THR D 197 4.58 23.32 8.22
C THR D 197 4.12 22.30 7.19
N PHE D 198 4.06 21.03 7.57
CA PHE D 198 3.65 19.99 6.62
C PHE D 198 2.17 20.11 6.30
N TRP D 199 1.34 20.38 7.30
CA TRP D 199 -0.09 20.56 7.04
C TRP D 199 -0.37 21.83 6.23
N GLN D 200 0.46 22.86 6.39
CA GLN D 200 0.22 24.10 5.65
C GLN D 200 0.56 23.96 4.17
N ASP D 201 1.32 22.94 3.79
CA ASP D 201 1.60 22.73 2.38
C ASP D 201 0.34 22.18 1.71
N PRO D 202 -0.23 22.89 0.73
CA PRO D 202 -1.41 22.35 0.02
C PRO D 202 -1.14 21.07 -0.75
N ARG D 203 0.10 20.82 -1.18
CA ARG D 203 0.40 19.67 -2.00
C ARG D 203 0.21 18.35 -1.27
N ASN D 204 0.26 18.36 0.06
CA ASN D 204 0.18 17.12 0.83
C ASN D 204 -1.25 16.60 0.87
N HIS D 205 -1.42 15.34 0.50
CA HIS D 205 -2.69 14.63 0.56
C HIS D 205 -2.74 13.80 1.83
N PHE D 206 -3.93 13.68 2.43
CA PHE D 206 -4.12 12.86 3.62
C PHE D 206 -5.36 12.01 3.42
N ARG D 207 -5.25 10.72 3.74
CA ARG D 207 -6.37 9.82 3.62
C ARG D 207 -6.43 8.90 4.83
N CYS D 208 -7.62 8.66 5.33
CA CYS D 208 -7.88 7.65 6.34
C CYS D 208 -8.61 6.49 5.69
N GLN D 209 -8.04 5.29 5.84
CA GLN D 209 -8.54 4.06 5.26
C GLN D 209 -8.99 3.14 6.38
N VAL D 210 -10.26 2.72 6.34
CA VAL D 210 -10.79 1.77 7.30
C VAL D 210 -11.18 0.52 6.52
N GLN D 211 -10.42 -0.55 6.73
CA GLN D 211 -10.73 -1.85 6.15
C GLN D 211 -11.67 -2.56 7.11
N PHE D 212 -12.93 -2.74 6.69
CA PHE D 212 -13.94 -3.42 7.47
C PHE D 212 -14.10 -4.85 6.97
N TYR D 213 -14.16 -5.79 7.90
CA TYR D 213 -14.35 -7.20 7.58
C TYR D 213 -15.81 -7.57 7.85
N GLY D 214 -16.50 -7.97 6.80
CA GLY D 214 -17.92 -8.26 6.92
C GLY D 214 -18.32 -9.59 6.30
N LEU D 215 -19.39 -9.57 5.51
CA LEU D 215 -19.92 -10.77 4.90
C LEU D 215 -19.07 -11.21 3.71
N SER D 216 -19.08 -12.52 3.45
CA SER D 216 -18.45 -13.11 2.28
C SER D 216 -19.52 -13.41 1.23
N GLU D 217 -19.08 -14.03 0.12
CA GLU D 217 -20.04 -14.44 -0.89
C GLU D 217 -20.98 -15.53 -0.37
N ASN D 218 -20.49 -16.40 0.49
CA ASN D 218 -21.30 -17.53 0.96
C ASN D 218 -22.49 -17.07 1.78
N ASP D 219 -22.38 -15.95 2.49
CA ASP D 219 -23.48 -15.48 3.32
C ASP D 219 -24.61 -14.97 2.45
N GLU D 220 -25.82 -15.48 2.71
CA GLU D 220 -27.00 -15.03 1.97
C GLU D 220 -27.45 -13.68 2.48
N TRP D 221 -28.00 -12.87 1.56
CA TRP D 221 -28.48 -11.54 1.90
C TRP D 221 -29.82 -11.32 1.21
N THR D 222 -30.83 -10.93 1.98
CA THR D 222 -32.18 -10.70 1.46
C THR D 222 -32.76 -9.42 2.06
N GLN D 223 -31.96 -8.35 2.10
CA GLN D 223 -32.37 -7.08 2.65
C GLN D 223 -32.23 -5.98 1.60
N ASP D 224 -32.89 -4.85 1.87
CA ASP D 224 -32.90 -3.74 0.90
C ASP D 224 -31.57 -2.99 0.86
N ARG D 225 -30.91 -2.84 2.00
CA ARG D 225 -29.65 -2.12 2.04
C ARG D 225 -28.54 -2.96 1.40
N ALA D 226 -27.49 -2.27 0.95
CA ALA D 226 -26.38 -2.93 0.29
C ALA D 226 -25.75 -3.97 1.21
N LYS D 227 -25.27 -5.05 0.61
CA LYS D 227 -24.69 -6.14 1.39
C LYS D 227 -23.45 -5.65 2.11
N PRO D 228 -23.36 -5.85 3.43
CA PRO D 228 -22.17 -5.39 4.20
C PRO D 228 -20.98 -6.33 4.02
N VAL D 229 -20.52 -6.45 2.78
CA VAL D 229 -19.35 -7.28 2.49
C VAL D 229 -18.08 -6.59 2.99
N THR D 230 -17.00 -7.37 3.08
CA THR D 230 -15.72 -6.80 3.45
C THR D 230 -15.35 -5.70 2.46
N GLN D 231 -14.93 -4.55 2.97
CA GLN D 231 -14.83 -3.38 2.12
C GLN D 231 -13.98 -2.32 2.80
N ILE D 232 -13.41 -1.43 1.97
CA ILE D 232 -12.59 -0.33 2.44
C ILE D 232 -13.40 0.96 2.32
N VAL D 233 -13.57 1.67 3.43
CA VAL D 233 -14.20 2.98 3.43
C VAL D 233 -13.14 4.02 3.77
N SER D 234 -13.14 5.13 3.03
CA SER D 234 -12.06 6.10 3.12
C SER D 234 -12.61 7.51 3.24
N ALA D 235 -11.79 8.38 3.83
CA ALA D 235 -12.07 9.81 3.88
C ALA D 235 -10.75 10.55 3.69
N GLU D 236 -10.81 11.74 3.11
CA GLU D 236 -9.57 12.40 2.75
C GLU D 236 -9.66 13.90 2.96
N ALA D 237 -8.48 14.53 3.04
CA ALA D 237 -8.35 15.97 3.22
C ALA D 237 -7.00 16.41 2.69
N TRP D 238 -6.97 17.61 2.13
CA TRP D 238 -5.74 18.22 1.62
C TRP D 238 -5.25 19.30 2.56
N GLY D 239 -3.96 19.60 2.46
CA GLY D 239 -3.39 20.67 3.27
C GLY D 239 -3.86 22.04 2.83
N ARG D 240 -3.80 22.98 3.77
CA ARG D 240 -4.27 24.35 3.52
C ARG D 240 -3.26 25.34 4.08
N ALA D 241 -2.85 26.29 3.24
CA ALA D 241 -1.99 27.37 3.73
C ALA D 241 -2.72 28.27 4.72
N ASP D 242 -4.03 28.38 4.58
CA ASP D 242 -4.83 29.21 5.48
C ASP D 242 -6.29 28.78 5.45
#